data_5YIJ
#
_entry.id   5YIJ
#
_cell.length_a   107.779
_cell.length_b   145.851
_cell.length_c   103.349
_cell.angle_alpha   90.00
_cell.angle_beta   103.82
_cell.angle_gamma   90.00
#
_symmetry.space_group_name_H-M   'C 1 2 1'
#
loop_
_entity.id
_entity.type
_entity.pdbx_description
1 polymer SdeA
2 polymer Ubiquitin
3 non-polymer '1,4-DIHYDRONICOTINAMIDE ADENINE DINUCLEOTIDE'
#
loop_
_entity_poly.entity_id
_entity_poly.type
_entity_poly.pdbx_seq_one_letter_code
_entity_poly.pdbx_strand_id
1 'polypeptide(L)'
;GFSLYTDDTVKAAAQYAYDNYLGKPYTGSVESAPANFGGRMVYRQHHGLSHTLRTMAYAELIVEEARKAKLRGETLGKFK
DGRTIADVTPQELKKIMIAQAFFVAGRDDEASDAKNYQKYHEQSRDAFLKYVKDNESTLIPDVFKDQEDVNFYARVIEDK
SHDWESTPAHVLINQGHMVDLVRVKQPPESFLQRYFSSMQRWIGSQATEAVFGIQRQFFHATYEVVAGFDSDNKEPHLVV
SGLGRYVIGEDGQPIREAPKKGQKEGDLKVFPQTYKLKENERLMRVDEFLKLPEIQNTFPGSGKHLQGGMPGMNEMDYWN
RLNSLNRARCENDVDFCLKQLQTAHDKAKIEPIKQAFQSSKGKERRQPNVDEIAAARIIQQILANPDCIHDDHVLINGQK
LEQQFFRDLLAKCEMAVVGSLLNDTDIGNIDTLMRHEKDTEFHSTNPEAVPVKIGEYWINDQRINNSSGNITQKKHDLIF
LMQNDAWYFSRVNAIAQNRDKGSTFKEVLITTLMTPLTSKALVDTSQAKPPTRLFRGLNLSEEFTKGLIDQANAMIANTT
ERLFTDHSPEAFKQIKLNDLSKMSGRTNASTTTEIKLVKETWDSNVIFEMLDPDGLLHSKQVGRHGEGTESEFSVYLPED
VALVPVKVTLDGKTQKGENRYVFTFVAVKSPDFTPRHESGYAVEPFLRMQAAKLAEVKSSIEKAQRAPDLETIFNLQNEV
EAVQYSHLSTGYKNFLKNTVGPVLENSLSGLMESDTDTLSKALAAFPSDTQWSAFNFEEARQAKRQMDAIKQMVGNKVVL
DALTQCQDALEKQNIAGALDALKKIPSEKEMGTIRRELREQIQSARQELESLQRAVVTPVVTDEKKVRERYDALIENTSK
KITELETGKLPNLDAVKKGISNLSNLKQEVTVLRNEKIRMHVGTDKVDFSDVEKLEQQIQVIDTKLADAYLLEVTKQISA
LEHHHHHH
;
A
2 'polypeptide(L)' SHMQIFVKTLTGKTITLEVEPSDTIENVKAKIQDKEGIPPDQQRLIFAGKQLEDGRTLSDYNIQKESTLHLVLRLRGG C,D,G
#
# COMPACT_ATOMS: atom_id res chain seq x y z
N GLY A 1 23.86 -10.93 -14.14
CA GLY A 1 23.10 -12.03 -14.68
C GLY A 1 23.62 -13.39 -14.24
N PHE A 2 24.84 -13.42 -13.72
CA PHE A 2 25.45 -14.66 -13.24
C PHE A 2 24.86 -15.09 -11.91
N SER A 3 24.83 -16.40 -11.69
CA SER A 3 24.40 -16.95 -10.41
C SER A 3 24.78 -18.42 -10.32
N LEU A 4 25.16 -18.86 -9.13
CA LEU A 4 25.48 -20.26 -8.91
C LEU A 4 24.34 -21.17 -9.34
N TYR A 5 23.12 -20.74 -9.04
CA TYR A 5 21.94 -21.59 -9.21
C TYR A 5 21.48 -21.70 -10.66
N THR A 6 22.07 -20.93 -11.56
CA THR A 6 21.63 -20.92 -12.96
C THR A 6 22.77 -20.90 -13.96
N ASP A 7 23.95 -21.32 -13.53
CA ASP A 7 25.08 -21.40 -14.44
C ASP A 7 25.43 -22.85 -14.71
N ASP A 8 25.16 -23.31 -15.92
CA ASP A 8 25.44 -24.69 -16.32
C ASP A 8 26.94 -24.96 -16.33
N THR A 9 27.72 -23.93 -16.64
CA THR A 9 29.18 -24.04 -16.63
C THR A 9 29.68 -24.33 -15.22
N VAL A 10 29.10 -23.65 -14.24
CA VAL A 10 29.46 -23.89 -12.85
C VAL A 10 28.91 -25.21 -12.37
N LYS A 11 27.68 -25.54 -12.76
CA LYS A 11 27.05 -26.79 -12.35
C LYS A 11 27.71 -27.99 -13.00
N ALA A 12 28.09 -27.85 -14.27
CA ALA A 12 28.82 -28.88 -14.98
C ALA A 12 30.08 -29.27 -14.20
N ALA A 13 30.83 -28.25 -13.77
CA ALA A 13 32.03 -28.46 -12.97
C ALA A 13 31.71 -29.19 -11.67
N ALA A 14 30.49 -28.99 -11.16
CA ALA A 14 30.06 -29.65 -9.94
C ALA A 14 29.69 -31.09 -10.23
N GLN A 15 28.97 -31.30 -11.33
CA GLN A 15 28.62 -32.65 -11.78
C GLN A 15 29.86 -33.51 -11.94
N TYR A 16 30.89 -32.91 -12.53
CA TYR A 16 32.18 -33.58 -12.72
C TYR A 16 32.77 -34.04 -11.39
N ALA A 17 32.89 -33.10 -10.45
CA ALA A 17 33.49 -33.39 -9.15
C ALA A 17 32.71 -34.47 -8.39
N TYR A 18 31.43 -34.57 -8.68
CA TYR A 18 30.60 -35.58 -8.05
C TYR A 18 30.80 -36.95 -8.68
N ASP A 19 30.68 -37.00 -10.01
CA ASP A 19 30.81 -38.25 -10.75
C ASP A 19 32.14 -38.94 -10.48
N ASN A 20 33.18 -38.14 -10.31
CA ASN A 20 34.54 -38.67 -10.24
C ASN A 20 35.06 -38.87 -8.82
N TYR A 21 34.94 -37.84 -7.99
CA TYR A 21 35.58 -37.88 -6.68
C TYR A 21 34.58 -37.96 -5.54
N LEU A 22 33.70 -36.97 -5.45
CA LEU A 22 32.77 -36.85 -4.32
C LEU A 22 31.75 -37.98 -4.29
N GLY A 23 31.39 -38.49 -5.46
CA GLY A 23 30.37 -39.52 -5.57
C GLY A 23 30.90 -40.93 -5.44
N LYS A 24 32.22 -41.07 -5.43
CA LYS A 24 32.85 -42.38 -5.30
C LYS A 24 33.10 -42.74 -3.85
N PRO A 25 33.02 -44.03 -3.51
CA PRO A 25 33.21 -44.53 -2.14
C PRO A 25 34.51 -44.03 -1.53
N TYR A 26 34.53 -43.93 -0.20
CA TYR A 26 35.75 -43.54 0.52
C TYR A 26 36.72 -44.71 0.58
N THR A 27 37.81 -44.61 -0.17
CA THR A 27 38.84 -45.64 -0.17
C THR A 27 39.76 -45.49 1.03
N GLY A 28 39.35 -44.67 1.98
CA GLY A 28 40.11 -44.45 3.20
C GLY A 28 39.75 -45.46 4.27
N SER A 29 40.47 -45.39 5.39
CA SER A 29 40.29 -46.34 6.48
C SER A 29 39.36 -45.76 7.56
N VAL A 30 39.69 -44.56 8.02
CA VAL A 30 39.00 -43.96 9.16
C VAL A 30 37.69 -43.27 8.79
N GLU A 31 36.59 -43.74 9.41
CA GLU A 31 35.28 -43.13 9.26
C GLU A 31 34.83 -43.00 7.81
N SER A 32 35.30 -43.90 6.96
CA SER A 32 34.95 -43.87 5.54
C SER A 32 33.74 -44.74 5.25
N ALA A 33 33.06 -45.18 6.32
CA ALA A 33 31.89 -46.03 6.19
C ALA A 33 30.79 -45.35 5.38
N PRO A 34 29.98 -46.16 4.67
CA PRO A 34 28.84 -45.65 3.90
C PRO A 34 27.66 -45.26 4.78
N ALA A 35 27.02 -44.14 4.46
CA ALA A 35 25.87 -43.68 5.22
C ALA A 35 24.57 -44.01 4.49
N ASN A 36 23.58 -44.44 5.26
CA ASN A 36 22.27 -44.75 4.71
C ASN A 36 21.22 -43.77 5.20
N PHE A 37 20.42 -43.24 4.28
CA PHE A 37 19.33 -42.35 4.64
C PHE A 37 18.05 -42.71 3.89
N GLY A 38 17.10 -43.32 4.61
CA GLY A 38 15.81 -43.67 4.04
C GLY A 38 15.87 -44.83 3.07
N GLY A 39 16.98 -45.56 3.08
CA GLY A 39 17.14 -46.70 2.20
C GLY A 39 17.95 -46.37 0.96
N ARG A 40 18.59 -45.20 0.99
CA ARG A 40 19.45 -44.78 -0.11
C ARG A 40 20.86 -44.52 0.41
N MET A 41 21.87 -44.81 -0.42
CA MET A 41 23.26 -44.76 0.04
C MET A 41 23.94 -43.44 -0.29
N VAL A 42 24.76 -42.97 0.65
CA VAL A 42 25.57 -41.77 0.47
C VAL A 42 26.95 -42.01 1.08
N TYR A 43 27.95 -42.16 0.22
CA TYR A 43 29.28 -42.60 0.63
C TYR A 43 30.00 -41.61 1.53
N ARG A 44 29.81 -40.32 1.28
CA ARG A 44 30.44 -39.29 2.09
C ARG A 44 29.41 -38.28 2.59
N GLN A 45 28.96 -38.46 3.82
CA GLN A 45 27.91 -37.61 4.37
C GLN A 45 28.47 -36.30 4.93
N HIS A 46 29.69 -36.34 5.44
CA HIS A 46 30.29 -35.16 6.05
C HIS A 46 30.89 -34.21 5.02
N HIS A 47 31.64 -34.76 4.07
CA HIS A 47 32.28 -33.94 3.05
C HIS A 47 31.89 -34.38 1.63
N GLY A 48 30.61 -34.70 1.45
CA GLY A 48 30.12 -35.13 0.15
C GLY A 48 29.75 -34.00 -0.79
N LEU A 49 28.63 -34.14 -1.48
CA LEU A 49 28.17 -33.15 -2.46
C LEU A 49 27.43 -31.99 -1.80
N SER A 50 26.55 -32.32 -0.86
CA SER A 50 25.80 -31.32 -0.11
C SER A 50 26.74 -30.35 0.59
N HIS A 51 27.90 -30.85 0.99
CA HIS A 51 28.91 -30.02 1.61
C HIS A 51 29.47 -29.00 0.63
N THR A 52 30.15 -29.47 -0.41
CA THR A 52 30.83 -28.58 -1.33
C THR A 52 29.85 -27.73 -2.11
N LEU A 53 28.58 -28.13 -2.11
CA LEU A 53 27.54 -27.36 -2.78
C LEU A 53 27.11 -26.15 -1.96
N ARG A 54 26.79 -26.38 -0.70
CA ARG A 54 26.42 -25.30 0.21
C ARG A 54 27.50 -24.22 0.21
N THR A 55 28.74 -24.65 0.44
CA THR A 55 29.89 -23.76 0.51
C THR A 55 29.92 -22.78 -0.66
N MET A 56 29.53 -23.25 -1.84
CA MET A 56 29.47 -22.39 -3.01
C MET A 56 28.35 -21.36 -2.85
N ALA A 57 27.24 -21.80 -2.25
CA ALA A 57 26.12 -20.91 -2.00
C ALA A 57 26.51 -19.85 -0.98
N TYR A 58 27.36 -20.24 -0.03
CA TYR A 58 27.87 -19.30 0.96
C TYR A 58 28.59 -18.17 0.25
N ALA A 59 29.46 -18.53 -0.69
CA ALA A 59 30.20 -17.55 -1.47
C ALA A 59 29.24 -16.58 -2.16
N GLU A 60 28.24 -17.12 -2.84
CA GLU A 60 27.16 -16.32 -3.42
C GLU A 60 26.51 -15.45 -2.34
N LEU A 61 26.22 -16.08 -1.20
CA LEU A 61 25.54 -15.41 -0.09
C LEU A 61 26.39 -14.30 0.49
N ILE A 62 27.61 -14.64 0.89
CA ILE A 62 28.48 -13.70 1.57
C ILE A 62 28.81 -12.51 0.67
N VAL A 63 28.93 -12.77 -0.63
CA VAL A 63 29.21 -11.71 -1.58
C VAL A 63 27.98 -10.80 -1.78
N GLU A 64 26.79 -11.40 -1.75
CA GLU A 64 25.57 -10.62 -1.84
C GLU A 64 25.41 -9.71 -0.63
N GLU A 65 25.52 -10.29 0.56
CA GLU A 65 25.39 -9.53 1.79
C GLU A 65 26.48 -8.48 1.91
N ALA A 66 27.66 -8.82 1.39
CA ALA A 66 28.78 -7.89 1.37
C ALA A 66 28.46 -6.70 0.49
N ARG A 67 27.89 -6.95 -0.68
CA ARG A 67 27.56 -5.88 -1.61
C ARG A 67 26.38 -5.06 -1.09
N LYS A 68 25.51 -5.70 -0.32
CA LYS A 68 24.42 -5.00 0.32
C LYS A 68 24.97 -4.06 1.39
N ALA A 69 25.95 -4.57 2.15
CA ALA A 69 26.55 -3.80 3.23
C ALA A 69 27.19 -2.51 2.71
N LYS A 70 27.92 -2.60 1.61
CA LYS A 70 28.56 -1.44 1.03
C LYS A 70 27.53 -0.47 0.45
N LEU A 71 26.34 -0.97 0.14
CA LEU A 71 25.27 -0.12 -0.38
C LEU A 71 24.70 0.69 0.76
N ARG A 72 24.89 0.19 1.98
CA ARG A 72 24.72 0.97 3.18
C ARG A 72 26.06 1.68 3.43
N GLY A 73 26.09 2.65 4.33
CA GLY A 73 27.32 3.39 4.56
C GLY A 73 28.51 2.61 5.11
N GLU A 74 28.39 1.28 5.16
CA GLU A 74 29.37 0.47 5.89
C GLU A 74 30.71 0.36 5.17
N THR A 75 31.78 0.31 5.96
CA THR A 75 33.13 0.16 5.43
C THR A 75 33.65 -1.23 5.74
N LEU A 76 33.81 -2.05 4.71
CA LEU A 76 34.27 -3.41 4.90
C LEU A 76 35.79 -3.47 5.05
N GLY A 77 36.28 -4.57 5.60
CA GLY A 77 37.70 -4.76 5.80
C GLY A 77 38.43 -4.84 4.47
N LYS A 78 39.44 -4.00 4.32
CA LYS A 78 40.28 -4.00 3.13
C LYS A 78 41.38 -5.05 3.22
N PHE A 79 41.84 -5.52 2.07
CA PHE A 79 42.98 -6.43 2.01
C PHE A 79 44.26 -5.65 1.77
N LYS A 80 45.30 -6.34 1.29
CA LYS A 80 46.59 -5.68 1.02
C LYS A 80 46.39 -4.55 0.01
N ASP A 81 45.56 -4.81 -0.99
CA ASP A 81 45.07 -3.78 -1.89
C ASP A 81 43.72 -3.31 -1.38
N GLY A 82 43.31 -2.12 -1.81
CA GLY A 82 42.07 -1.53 -1.33
C GLY A 82 40.79 -2.17 -1.83
N ARG A 83 40.74 -3.50 -1.76
CA ARG A 83 39.55 -4.23 -2.21
C ARG A 83 38.89 -4.94 -1.04
N THR A 84 37.57 -4.97 -1.05
CA THR A 84 36.82 -5.71 -0.03
C THR A 84 36.03 -6.84 -0.69
N ILE A 85 35.41 -7.67 0.14
CA ILE A 85 34.61 -8.78 -0.36
C ILE A 85 33.52 -8.29 -1.32
N ALA A 86 33.09 -7.04 -1.14
CA ALA A 86 32.06 -6.47 -1.98
C ALA A 86 32.61 -6.01 -3.32
N ASP A 87 33.93 -6.10 -3.47
CA ASP A 87 34.57 -5.73 -4.73
C ASP A 87 34.73 -6.96 -5.62
N VAL A 88 34.30 -8.12 -5.13
CA VAL A 88 34.33 -9.36 -5.90
C VAL A 88 33.36 -9.29 -7.08
N THR A 89 33.83 -9.69 -8.25
CA THR A 89 33.04 -9.59 -9.48
C THR A 89 32.40 -10.91 -9.88
N PRO A 90 31.36 -10.85 -10.72
CA PRO A 90 30.65 -12.04 -11.22
C PRO A 90 31.60 -13.06 -11.86
N GLN A 91 32.60 -12.60 -12.61
CA GLN A 91 33.55 -13.53 -13.21
C GLN A 91 34.44 -14.16 -12.14
N GLU A 92 35.00 -13.34 -11.26
CA GLU A 92 35.86 -13.84 -10.20
C GLU A 92 35.12 -14.82 -9.30
N LEU A 93 33.84 -14.54 -9.08
CA LEU A 93 33.03 -15.39 -8.21
C LEU A 93 32.78 -16.74 -8.88
N LYS A 94 32.77 -16.76 -10.21
CA LYS A 94 32.61 -18.02 -10.94
C LYS A 94 33.86 -18.88 -10.79
N LYS A 95 35.03 -18.25 -10.92
CA LYS A 95 36.29 -18.95 -10.73
C LYS A 95 36.37 -19.53 -9.33
N ILE A 96 35.99 -18.71 -8.35
CA ILE A 96 35.99 -19.12 -6.95
C ILE A 96 35.13 -20.36 -6.74
N MET A 97 33.95 -20.37 -7.33
CA MET A 97 33.02 -21.46 -7.13
C MET A 97 33.50 -22.74 -7.78
N ILE A 98 33.95 -22.63 -9.03
CA ILE A 98 34.46 -23.79 -9.75
C ILE A 98 35.66 -24.39 -9.01
N ALA A 99 36.51 -23.52 -8.49
CA ALA A 99 37.61 -23.96 -7.64
C ALA A 99 37.06 -24.64 -6.39
N GLN A 100 35.99 -24.06 -5.86
CA GLN A 100 35.41 -24.51 -4.60
C GLN A 100 34.79 -25.90 -4.69
N ALA A 101 34.61 -26.38 -5.91
CA ALA A 101 33.94 -27.66 -6.13
C ALA A 101 34.86 -28.84 -5.85
N PHE A 102 36.15 -28.64 -6.13
CA PHE A 102 37.13 -29.71 -6.00
C PHE A 102 37.85 -29.62 -4.65
N PHE A 103 37.47 -28.65 -3.84
CA PHE A 103 38.15 -28.35 -2.59
C PHE A 103 38.11 -29.52 -1.59
N VAL A 104 37.22 -30.48 -1.83
CA VAL A 104 37.10 -31.65 -0.96
C VAL A 104 37.07 -32.93 -1.82
N ALA A 105 37.55 -32.82 -3.05
CA ALA A 105 37.56 -33.96 -3.97
C ALA A 105 38.69 -34.93 -3.64
N GLY A 106 39.79 -34.40 -3.13
CA GLY A 106 40.96 -35.22 -2.81
C GLY A 106 40.80 -36.05 -1.55
N ARG A 107 39.69 -35.88 -0.85
CA ARG A 107 39.44 -36.62 0.38
C ARG A 107 39.39 -38.11 0.11
N ASP A 108 40.08 -38.88 0.96
CA ASP A 108 40.03 -40.34 0.91
C ASP A 108 39.53 -40.88 2.24
N ASP A 109 39.95 -40.21 3.31
CA ASP A 109 39.50 -40.55 4.65
C ASP A 109 38.83 -39.36 5.29
N GLU A 110 38.28 -39.56 6.48
CA GLU A 110 37.75 -38.46 7.28
C GLU A 110 38.78 -38.10 8.34
N ALA A 111 39.98 -38.66 8.20
CA ALA A 111 41.08 -38.39 9.11
C ALA A 111 41.41 -36.90 9.11
N SER A 112 41.94 -36.41 10.23
CA SER A 112 42.06 -34.97 10.44
C SER A 112 43.45 -34.47 10.83
N ASP A 113 44.46 -35.31 10.68
CA ASP A 113 45.80 -34.90 11.11
C ASP A 113 46.62 -34.32 9.94
N ALA A 114 47.65 -33.56 10.29
CA ALA A 114 48.40 -32.74 9.33
C ALA A 114 48.89 -33.49 8.11
N LYS A 115 49.32 -34.74 8.30
CA LYS A 115 49.82 -35.54 7.19
C LYS A 115 48.72 -35.84 6.19
N ASN A 116 47.61 -36.38 6.68
CA ASN A 116 46.44 -36.62 5.83
C ASN A 116 45.93 -35.32 5.22
N TYR A 117 46.01 -34.24 5.98
CA TYR A 117 45.56 -32.92 5.53
C TYR A 117 46.26 -32.52 4.24
N GLN A 118 47.59 -32.50 4.28
CA GLN A 118 48.39 -32.09 3.13
C GLN A 118 48.12 -32.99 1.92
N LYS A 119 48.00 -34.29 2.17
CA LYS A 119 47.78 -35.26 1.11
C LYS A 119 46.48 -35.02 0.34
N TYR A 120 45.37 -34.95 1.07
CA TYR A 120 44.05 -34.82 0.45
C TYR A 120 43.91 -33.51 -0.33
N HIS A 121 44.38 -32.42 0.26
CA HIS A 121 44.38 -31.13 -0.43
C HIS A 121 45.41 -31.14 -1.57
N GLU A 122 46.41 -32.00 -1.44
CA GLU A 122 47.34 -32.25 -2.54
C GLU A 122 46.56 -32.81 -3.72
N GLN A 123 45.72 -33.79 -3.44
CA GLN A 123 44.92 -34.45 -4.48
C GLN A 123 43.84 -33.54 -5.05
N SER A 124 43.32 -32.66 -4.19
CA SER A 124 42.22 -31.78 -4.59
C SER A 124 42.65 -30.75 -5.62
N ARG A 125 43.83 -30.17 -5.45
CA ARG A 125 44.33 -29.17 -6.37
C ARG A 125 44.60 -29.77 -7.74
N ASP A 126 44.95 -31.06 -7.74
CA ASP A 126 45.22 -31.78 -8.99
C ASP A 126 43.92 -32.04 -9.75
N ALA A 127 42.92 -32.54 -9.04
CA ALA A 127 41.60 -32.79 -9.61
C ALA A 127 41.07 -31.54 -10.31
N PHE A 128 41.24 -30.39 -9.67
CA PHE A 128 40.86 -29.12 -10.26
C PHE A 128 41.65 -28.89 -11.54
N LEU A 129 42.97 -28.96 -11.43
CA LEU A 129 43.86 -28.77 -12.57
C LEU A 129 43.53 -29.73 -13.70
N LYS A 130 43.19 -30.97 -13.34
CA LYS A 130 42.82 -31.97 -14.32
C LYS A 130 41.54 -31.56 -15.06
N TYR A 131 40.53 -31.14 -14.31
CA TYR A 131 39.26 -30.72 -14.92
C TYR A 131 39.45 -29.52 -15.84
N VAL A 132 40.17 -28.51 -15.36
CA VAL A 132 40.47 -27.34 -16.17
C VAL A 132 41.24 -27.79 -17.41
N LYS A 133 42.22 -28.66 -17.20
CA LYS A 133 43.04 -29.21 -18.26
C LYS A 133 42.17 -29.82 -19.37
N ASP A 134 41.17 -30.59 -18.97
CA ASP A 134 40.27 -31.25 -19.92
C ASP A 134 39.49 -30.25 -20.76
N ASN A 135 38.90 -29.26 -20.11
CA ASN A 135 38.02 -28.32 -20.80
C ASN A 135 38.66 -26.95 -21.04
N GLU A 136 39.97 -26.93 -21.24
CA GLU A 136 40.70 -25.68 -21.43
C GLU A 136 40.20 -24.87 -22.62
N SER A 137 39.67 -25.55 -23.62
CA SER A 137 39.22 -24.88 -24.84
C SER A 137 38.00 -23.99 -24.61
N THR A 138 37.28 -24.27 -23.52
CA THR A 138 36.05 -23.53 -23.21
C THR A 138 36.22 -22.62 -22.00
N LEU A 139 37.19 -22.92 -21.16
CA LEU A 139 37.42 -22.16 -19.93
C LEU A 139 38.48 -21.08 -20.09
N ILE A 140 39.71 -21.52 -20.38
CA ILE A 140 40.87 -20.64 -20.49
C ILE A 140 40.69 -19.42 -21.41
N PRO A 141 39.90 -19.57 -22.49
CA PRO A 141 39.61 -18.37 -23.28
C PRO A 141 38.78 -17.32 -22.51
N ASP A 142 37.65 -17.74 -21.94
CA ASP A 142 36.70 -16.79 -21.36
C ASP A 142 36.52 -16.94 -19.85
N VAL A 143 36.27 -18.15 -19.38
CA VAL A 143 36.04 -18.41 -17.96
C VAL A 143 37.27 -18.03 -17.13
N PHE A 144 38.45 -18.36 -17.64
CA PHE A 144 39.70 -17.93 -17.05
C PHE A 144 40.43 -17.03 -18.03
N LYS A 145 41.48 -16.36 -17.59
CA LYS A 145 42.23 -15.44 -18.45
C LYS A 145 43.47 -16.11 -19.02
N ASP A 146 44.17 -16.85 -18.17
CA ASP A 146 45.41 -17.53 -18.53
C ASP A 146 45.64 -18.68 -17.57
N GLN A 147 46.77 -19.37 -17.72
CA GLN A 147 47.10 -20.47 -16.83
C GLN A 147 47.52 -19.94 -15.46
N GLU A 148 48.08 -18.73 -15.46
CA GLU A 148 48.44 -18.06 -14.21
C GLU A 148 47.24 -18.01 -13.28
N ASP A 149 46.10 -17.57 -13.82
CA ASP A 149 44.86 -17.49 -13.06
C ASP A 149 44.49 -18.83 -12.43
N VAL A 150 44.39 -19.86 -13.27
CA VAL A 150 44.03 -21.20 -12.81
C VAL A 150 44.97 -21.70 -11.71
N ASN A 151 46.25 -21.33 -11.82
CA ASN A 151 47.23 -21.73 -10.82
C ASN A 151 47.02 -21.03 -9.49
N PHE A 152 46.47 -19.82 -9.54
CA PHE A 152 46.16 -19.06 -8.34
C PHE A 152 45.13 -19.77 -7.48
N TYR A 153 44.05 -20.22 -8.12
CA TYR A 153 42.96 -20.89 -7.41
C TYR A 153 43.33 -22.33 -7.06
N ALA A 154 44.20 -22.94 -7.86
CA ALA A 154 44.69 -24.29 -7.57
C ALA A 154 45.67 -24.27 -6.40
N ARG A 155 46.41 -23.17 -6.30
CA ARG A 155 47.33 -22.96 -5.19
C ARG A 155 46.56 -22.83 -3.89
N VAL A 156 45.40 -22.19 -3.98
CA VAL A 156 44.54 -21.97 -2.83
C VAL A 156 43.93 -23.27 -2.32
N ILE A 157 43.61 -24.17 -3.26
CA ILE A 157 43.06 -25.47 -2.90
C ILE A 157 44.11 -26.29 -2.16
N GLU A 158 45.38 -26.09 -2.51
CA GLU A 158 46.46 -26.80 -1.84
C GLU A 158 46.62 -26.32 -0.41
N ASP A 159 46.71 -25.01 -0.24
CA ASP A 159 46.91 -24.42 1.08
C ASP A 159 48.20 -24.94 1.71
N LYS A 160 49.32 -24.74 1.02
CA LYS A 160 50.63 -25.05 1.57
C LYS A 160 50.92 -24.15 2.75
N SER A 161 50.98 -22.85 2.48
CA SER A 161 51.04 -21.85 3.54
C SER A 161 49.70 -21.84 4.27
N HIS A 162 49.70 -21.41 5.51
CA HIS A 162 48.45 -21.40 6.26
C HIS A 162 47.61 -20.14 6.17
N ASP A 163 47.97 -19.17 5.33
CA ASP A 163 47.14 -17.94 5.20
C ASP A 163 45.74 -18.14 4.65
N TRP A 164 44.74 -17.54 5.28
CA TRP A 164 43.41 -17.55 4.72
C TRP A 164 42.87 -16.18 4.53
N GLU A 165 43.58 -15.17 5.00
CA GLU A 165 43.16 -13.77 4.95
C GLU A 165 43.70 -13.04 3.76
N SER A 166 44.34 -13.71 2.83
CA SER A 166 45.15 -12.98 1.86
C SER A 166 44.30 -12.14 0.92
N THR A 167 43.34 -12.79 0.28
CA THR A 167 42.49 -12.14 -0.70
C THR A 167 41.05 -12.65 -0.62
N PRO A 168 40.12 -11.94 -1.28
CA PRO A 168 38.72 -12.35 -1.40
C PRO A 168 38.59 -13.82 -1.79
N ALA A 169 39.30 -14.23 -2.84
CA ALA A 169 39.28 -15.62 -3.28
C ALA A 169 39.65 -16.56 -2.14
N HIS A 170 40.60 -16.13 -1.31
CA HIS A 170 41.08 -16.96 -0.20
C HIS A 170 40.11 -17.00 0.97
N VAL A 171 39.68 -15.82 1.43
CA VAL A 171 38.75 -15.72 2.54
C VAL A 171 37.45 -16.52 2.29
N LEU A 172 36.87 -16.33 1.11
CA LEU A 172 35.61 -16.98 0.76
C LEU A 172 35.71 -18.50 0.82
N ILE A 173 36.71 -19.06 0.16
CA ILE A 173 36.82 -20.50 0.04
C ILE A 173 37.11 -21.18 1.38
N ASN A 174 37.78 -20.46 2.28
CA ASN A 174 38.16 -21.03 3.56
C ASN A 174 37.05 -20.92 4.61
N GLN A 175 36.43 -19.74 4.68
CA GLN A 175 35.32 -19.53 5.60
C GLN A 175 34.12 -20.35 5.17
N GLY A 176 33.86 -20.40 3.87
CA GLY A 176 32.75 -21.14 3.32
C GLY A 176 32.83 -22.60 3.73
N HIS A 177 34.04 -23.11 3.82
CA HIS A 177 34.26 -24.51 4.19
C HIS A 177 34.06 -24.71 5.69
N MET A 178 34.57 -23.77 6.49
CA MET A 178 34.58 -23.95 7.94
C MET A 178 33.22 -23.66 8.58
N VAL A 179 32.46 -22.75 7.98
CA VAL A 179 31.16 -22.38 8.52
C VAL A 179 30.12 -23.47 8.33
N ASP A 180 30.38 -24.39 7.40
CA ASP A 180 29.47 -25.49 7.16
C ASP A 180 29.57 -26.53 8.26
N LEU A 181 30.49 -26.30 9.20
CA LEU A 181 30.69 -27.21 10.32
C LEU A 181 29.75 -26.88 11.47
N VAL A 182 28.96 -25.83 11.31
CA VAL A 182 28.00 -25.43 12.32
C VAL A 182 26.97 -26.53 12.61
N ARG A 183 26.72 -27.36 11.60
CA ARG A 183 25.68 -28.37 11.69
C ARG A 183 26.14 -29.65 12.39
N VAL A 184 27.36 -29.63 12.94
CA VAL A 184 27.93 -30.85 13.53
C VAL A 184 28.59 -30.66 14.89
N LYS A 185 29.38 -29.60 15.05
CA LYS A 185 30.18 -29.41 16.27
C LYS A 185 29.31 -28.98 17.46
N GLN A 186 29.70 -29.39 18.67
CA GLN A 186 28.73 -29.54 19.77
C GLN A 186 28.70 -28.50 20.90
N PRO A 187 29.66 -27.58 20.95
CA PRO A 187 29.31 -26.38 21.71
C PRO A 187 28.93 -25.24 20.76
N PRO A 188 27.68 -25.24 20.27
CA PRO A 188 27.18 -24.33 19.22
C PRO A 188 27.48 -22.88 19.53
N GLU A 189 27.38 -22.51 20.80
CA GLU A 189 27.70 -21.16 21.22
C GLU A 189 29.17 -20.85 20.98
N SER A 190 30.05 -21.72 21.46
CA SER A 190 31.49 -21.53 21.34
C SER A 190 31.92 -21.33 19.90
N PHE A 191 31.47 -22.24 19.03
CA PHE A 191 31.82 -22.19 17.61
C PHE A 191 31.21 -20.98 16.92
N LEU A 192 29.91 -20.77 17.14
CA LEU A 192 29.19 -19.70 16.46
C LEU A 192 29.79 -18.34 16.78
N GLN A 193 30.08 -18.09 18.06
CA GLN A 193 30.74 -16.86 18.47
C GLN A 193 32.06 -16.69 17.70
N ARG A 194 32.76 -17.81 17.56
CA ARG A 194 34.02 -17.83 16.83
C ARG A 194 33.81 -17.46 15.36
N TYR A 195 32.99 -18.24 14.65
CA TYR A 195 32.77 -18.02 13.23
C TYR A 195 32.18 -16.65 12.94
N PHE A 196 31.46 -16.10 13.90
CA PHE A 196 30.86 -14.78 13.73
C PHE A 196 31.95 -13.72 13.72
N SER A 197 32.79 -13.72 14.75
CA SER A 197 33.84 -12.74 14.87
C SER A 197 34.76 -12.79 13.65
N SER A 198 34.97 -13.99 13.12
CA SER A 198 35.81 -14.18 11.94
C SER A 198 35.27 -13.41 10.75
N MET A 199 33.99 -13.60 10.46
CA MET A 199 33.39 -13.02 9.28
C MET A 199 33.08 -11.54 9.46
N GLN A 200 32.81 -11.15 10.70
CA GLN A 200 32.52 -9.76 11.03
C GLN A 200 33.67 -8.84 10.65
N ARG A 201 34.89 -9.38 10.63
CA ARG A 201 36.07 -8.58 10.33
C ARG A 201 36.13 -8.22 8.85
N TRP A 202 35.63 -9.11 8.00
CA TRP A 202 35.73 -8.91 6.55
C TRP A 202 34.46 -8.35 5.92
N ILE A 203 33.30 -8.78 6.41
CA ILE A 203 32.03 -8.44 5.77
C ILE A 203 31.23 -7.40 6.53
N GLY A 204 31.24 -7.49 7.86
CA GLY A 204 30.45 -6.59 8.68
C GLY A 204 29.58 -7.37 9.64
N SER A 205 29.03 -6.69 10.63
CA SER A 205 28.23 -7.35 11.66
C SER A 205 26.82 -7.69 11.18
N GLN A 206 26.14 -6.75 10.53
CA GLN A 206 24.80 -7.01 10.02
C GLN A 206 24.82 -8.05 8.89
N ALA A 207 25.80 -7.94 8.00
CA ALA A 207 25.92 -8.84 6.87
C ALA A 207 26.18 -10.27 7.33
N THR A 208 26.85 -10.40 8.47
CA THR A 208 27.18 -11.73 8.97
C THR A 208 25.95 -12.40 9.53
N GLU A 209 25.14 -11.66 10.28
CA GLU A 209 23.93 -12.20 10.87
C GLU A 209 22.99 -12.70 9.77
N ALA A 210 22.98 -11.98 8.66
CA ALA A 210 22.24 -12.41 7.48
C ALA A 210 22.79 -13.74 6.97
N VAL A 211 24.11 -13.88 6.98
CA VAL A 211 24.76 -15.09 6.46
C VAL A 211 24.35 -16.34 7.22
N PHE A 212 24.64 -16.37 8.52
CA PHE A 212 24.28 -17.53 9.34
C PHE A 212 22.77 -17.69 9.43
N GLY A 213 22.06 -16.59 9.22
CA GLY A 213 20.62 -16.62 9.18
C GLY A 213 20.14 -17.40 7.98
N ILE A 214 20.55 -16.96 6.80
CA ILE A 214 20.22 -17.66 5.57
C ILE A 214 20.94 -19.01 5.54
N GLN A 215 21.90 -19.17 6.44
CA GLN A 215 22.66 -20.41 6.53
C GLN A 215 21.82 -21.50 7.19
N ARG A 216 21.01 -21.12 8.15
CA ARG A 216 20.12 -22.06 8.81
C ARG A 216 19.08 -22.58 7.83
N GLN A 217 18.76 -21.74 6.84
CA GLN A 217 17.74 -22.09 5.86
C GLN A 217 18.31 -23.02 4.80
N PHE A 218 19.62 -22.93 4.57
CA PHE A 218 20.30 -23.84 3.66
C PHE A 218 20.36 -25.24 4.26
N PHE A 219 20.54 -25.30 5.58
CA PHE A 219 20.53 -26.58 6.28
C PHE A 219 19.17 -27.27 6.15
N HIS A 220 18.11 -26.53 6.39
CA HIS A 220 16.75 -27.07 6.29
C HIS A 220 16.41 -27.46 4.86
N ALA A 221 16.99 -26.76 3.90
CA ALA A 221 16.72 -27.01 2.49
C ALA A 221 17.52 -28.20 1.98
N THR A 222 18.60 -28.52 2.68
CA THR A 222 19.44 -29.66 2.32
C THR A 222 19.31 -30.77 3.36
N TYR A 223 18.33 -30.64 4.24
CA TYR A 223 17.98 -31.68 5.21
C TYR A 223 19.11 -31.99 6.18
N GLU A 224 19.88 -30.97 6.54
CA GLU A 224 20.92 -31.09 7.55
C GLU A 224 20.46 -30.51 8.88
N VAL A 225 21.15 -30.88 9.95
CA VAL A 225 20.79 -30.46 11.30
C VAL A 225 20.96 -28.96 11.53
N VAL A 226 19.89 -28.31 11.96
CA VAL A 226 20.00 -26.93 12.41
C VAL A 226 20.14 -26.91 13.92
N ALA A 227 21.32 -26.55 14.39
CA ALA A 227 21.58 -26.49 15.82
C ALA A 227 20.96 -25.24 16.42
N GLY A 228 20.67 -25.30 17.71
CA GLY A 228 20.14 -24.14 18.41
C GLY A 228 21.27 -23.30 18.97
N PHE A 229 20.89 -22.26 19.72
CA PHE A 229 21.85 -21.43 20.42
C PHE A 229 21.27 -21.03 21.77
N ASP A 230 21.68 -21.75 22.82
CA ASP A 230 21.14 -21.54 24.14
C ASP A 230 22.08 -20.67 24.97
N SER A 231 21.65 -19.45 25.24
CA SER A 231 22.43 -18.51 26.03
C SER A 231 22.76 -19.08 27.40
N ASP A 232 21.86 -19.89 27.94
CA ASP A 232 22.00 -20.43 29.28
C ASP A 232 22.65 -21.81 29.29
N ASN A 233 23.28 -22.18 28.17
CA ASN A 233 23.94 -23.47 28.06
C ASN A 233 24.99 -23.66 29.15
N LYS A 234 24.77 -24.66 29.99
CA LYS A 234 25.62 -24.87 31.16
C LYS A 234 26.73 -25.89 30.89
N GLU A 235 26.85 -26.31 29.64
CA GLU A 235 27.93 -27.22 29.26
C GLU A 235 29.23 -26.43 29.18
N PRO A 236 30.36 -27.13 29.37
CA PRO A 236 31.68 -26.50 29.40
C PRO A 236 32.06 -25.83 28.08
N HIS A 237 32.34 -24.53 28.14
CA HIS A 237 32.76 -23.76 26.97
C HIS A 237 34.06 -24.30 26.39
N LEU A 238 34.17 -24.29 25.07
CA LEU A 238 35.38 -24.73 24.39
C LEU A 238 36.01 -23.62 23.56
N VAL A 239 37.15 -23.11 24.03
CA VAL A 239 37.93 -22.13 23.26
C VAL A 239 38.34 -22.74 21.93
N VAL A 240 38.04 -22.05 20.84
CA VAL A 240 38.26 -22.60 19.50
C VAL A 240 39.69 -22.34 19.00
N SER A 241 40.38 -21.39 19.61
CA SER A 241 41.80 -21.16 19.31
C SER A 241 42.60 -22.38 19.75
N GLY A 242 42.54 -23.44 18.94
CA GLY A 242 43.05 -24.74 19.33
C GLY A 242 41.91 -25.54 19.91
N LEU A 243 42.19 -26.29 20.97
CA LEU A 243 41.16 -26.98 21.72
C LEU A 243 41.37 -26.77 23.22
N GLY A 244 41.53 -25.49 23.60
CA GLY A 244 41.77 -25.13 24.98
C GLY A 244 40.51 -24.87 25.76
N ARG A 245 40.66 -24.53 27.04
CA ARG A 245 39.52 -24.25 27.91
C ARG A 245 39.78 -23.05 28.80
N TYR A 246 38.74 -22.57 29.47
CA TYR A 246 38.88 -21.49 30.44
C TYR A 246 38.62 -22.01 31.84
N VAL A 247 39.36 -21.50 32.82
CA VAL A 247 39.32 -22.05 34.17
C VAL A 247 39.12 -21.00 35.27
N ILE A 248 38.37 -21.41 36.29
CA ILE A 248 38.11 -20.57 37.45
C ILE A 248 38.39 -21.39 38.72
N GLY A 249 39.27 -20.89 39.58
CA GLY A 249 39.66 -21.62 40.76
C GLY A 249 39.65 -20.83 42.04
N GLU A 250 39.37 -21.51 43.16
CA GLU A 250 39.28 -20.87 44.47
C GLU A 250 38.18 -19.82 44.48
N ASP A 251 38.56 -18.55 44.42
CA ASP A 251 37.61 -17.48 44.22
C ASP A 251 37.01 -17.64 42.82
N GLY A 252 35.69 -17.54 42.71
CA GLY A 252 35.02 -17.76 41.44
C GLY A 252 35.49 -16.84 40.33
N GLN A 253 36.78 -16.87 40.04
CA GLN A 253 37.37 -15.99 39.03
C GLN A 253 38.18 -16.76 38.00
N PRO A 254 38.06 -16.35 36.72
CA PRO A 254 38.79 -16.98 35.61
C PRO A 254 40.28 -16.62 35.63
N ILE A 255 41.14 -17.61 35.44
CA ILE A 255 42.59 -17.43 35.53
C ILE A 255 43.12 -16.44 34.49
N ARG A 256 44.06 -15.60 34.89
CA ARG A 256 44.59 -14.55 34.02
C ARG A 256 46.06 -14.25 34.32
N GLU A 257 46.68 -13.45 33.44
CA GLU A 257 48.03 -12.94 33.65
C GLU A 257 48.15 -11.53 33.08
N ALA A 258 48.68 -10.60 33.86
CA ALA A 258 48.60 -9.17 33.52
C ALA A 258 49.92 -8.56 33.04
N PRO A 259 49.98 -8.19 31.75
CA PRO A 259 51.08 -7.44 31.14
C PRO A 259 50.98 -5.92 31.38
N LYS A 260 51.86 -5.16 30.72
CA LYS A 260 51.97 -3.72 30.98
C LYS A 260 50.81 -2.91 30.42
N LYS A 261 50.39 -1.91 31.20
CA LYS A 261 49.34 -0.96 30.82
C LYS A 261 48.09 -1.65 30.28
N GLY A 262 47.65 -2.69 30.96
CA GLY A 262 46.46 -3.41 30.53
C GLY A 262 45.54 -3.74 31.68
N GLN A 263 45.95 -3.38 32.89
CA GLN A 263 45.19 -3.74 34.09
C GLN A 263 45.05 -5.25 34.14
N LYS A 264 43.84 -5.74 34.38
CA LYS A 264 43.58 -7.18 34.26
C LYS A 264 43.62 -7.55 32.78
N GLU A 265 44.21 -8.69 32.45
CA GLU A 265 44.46 -9.03 31.05
C GLU A 265 43.84 -10.36 30.65
N GLY A 266 44.01 -10.71 29.38
CA GLY A 266 43.42 -11.87 28.76
C GLY A 266 43.51 -13.17 29.55
N ASP A 267 42.59 -14.08 29.27
CA ASP A 267 42.48 -15.32 30.02
C ASP A 267 43.53 -16.34 29.60
N LEU A 268 44.09 -17.04 30.59
CA LEU A 268 45.04 -18.10 30.32
C LEU A 268 44.34 -19.32 29.74
N LYS A 269 44.42 -19.45 28.44
CA LYS A 269 43.77 -20.55 27.81
C LYS A 269 44.50 -21.69 28.39
N VAL A 270 44.06 -22.19 29.53
CA VAL A 270 44.62 -23.42 30.04
C VAL A 270 44.17 -24.44 29.04
N PHE A 271 45.07 -25.28 28.61
CA PHE A 271 44.83 -26.04 27.45
C PHE A 271 43.90 -26.84 28.22
N PRO A 272 43.51 -28.00 27.75
CA PRO A 272 42.77 -28.88 28.61
C PRO A 272 43.80 -29.29 29.63
N GLN A 273 43.38 -29.30 30.89
CA GLN A 273 44.25 -29.39 32.04
C GLN A 273 43.46 -30.15 33.07
N THR A 274 44.13 -30.71 34.05
CA THR A 274 43.44 -31.42 35.12
C THR A 274 43.71 -30.73 36.44
N TYR A 275 42.68 -30.52 37.24
CA TYR A 275 42.75 -29.51 38.27
C TYR A 275 42.25 -29.84 39.65
N LYS A 276 42.81 -29.11 40.61
CA LYS A 276 42.39 -29.13 42.01
C LYS A 276 42.98 -30.31 42.78
N ASN A 280 39.09 -25.32 45.00
CA ASN A 280 39.76 -25.95 43.87
C ASN A 280 39.37 -25.31 42.55
N GLU A 281 39.67 -25.96 41.43
CA GLU A 281 39.47 -25.41 40.10
C GLU A 281 38.30 -26.01 39.30
N ARG A 282 37.58 -25.16 38.58
CA ARG A 282 36.43 -25.53 37.74
C ARG A 282 36.51 -24.87 36.38
N LEU A 283 36.14 -25.58 35.32
CA LEU A 283 36.14 -25.02 33.97
C LEU A 283 35.01 -24.04 33.77
N MET A 284 35.18 -23.06 32.88
CA MET A 284 34.18 -22.02 32.68
C MET A 284 33.08 -22.50 31.76
N ARG A 285 31.84 -22.18 32.10
CA ARG A 285 30.70 -22.62 31.31
C ARG A 285 30.40 -21.65 30.16
N VAL A 286 29.63 -22.14 29.20
CA VAL A 286 29.26 -21.36 28.03
C VAL A 286 28.55 -20.07 28.42
N ASP A 287 27.65 -20.15 29.39
CA ASP A 287 26.91 -18.98 29.84
C ASP A 287 27.84 -17.99 30.55
N GLU A 288 28.79 -18.52 31.33
CA GLU A 288 29.76 -17.68 32.01
C GLU A 288 30.59 -16.91 31.00
N PHE A 289 30.91 -17.58 29.90
CA PHE A 289 31.67 -16.97 28.82
C PHE A 289 30.84 -15.91 28.10
N LEU A 290 29.58 -16.23 27.82
CA LEU A 290 28.69 -15.34 27.09
C LEU A 290 28.35 -14.08 27.88
N LYS A 291 28.30 -14.21 29.21
CA LYS A 291 27.99 -13.07 30.07
C LYS A 291 29.23 -12.21 30.32
N LEU A 292 30.36 -12.65 29.80
CA LEU A 292 31.62 -11.93 29.97
C LEU A 292 31.50 -10.51 29.41
N PRO A 293 32.13 -9.54 30.10
CA PRO A 293 32.12 -8.15 29.65
C PRO A 293 32.75 -8.00 28.27
N GLU A 294 33.69 -8.90 27.95
CA GLU A 294 34.32 -8.91 26.64
C GLU A 294 33.33 -9.33 25.56
N ILE A 295 32.51 -10.33 25.88
CA ILE A 295 31.60 -10.93 24.91
C ILE A 295 30.29 -10.16 24.75
N GLN A 296 29.73 -9.69 25.86
CA GLN A 296 28.45 -9.00 25.86
C GLN A 296 28.42 -7.76 24.98
N ASN A 297 29.56 -7.08 24.86
CA ASN A 297 29.60 -5.84 24.10
C ASN A 297 30.06 -6.01 22.67
N THR A 298 30.36 -7.24 22.28
CA THR A 298 30.88 -7.51 20.94
C THR A 298 30.11 -8.62 20.23
N PHE A 299 29.35 -9.42 20.99
CA PHE A 299 28.60 -10.53 20.41
C PHE A 299 27.09 -10.35 20.59
N PRO A 300 26.36 -10.32 19.48
CA PRO A 300 24.91 -10.08 19.47
C PRO A 300 24.13 -11.18 20.16
N GLY A 301 24.68 -12.40 20.16
CA GLY A 301 23.98 -13.56 20.65
C GLY A 301 23.95 -13.72 22.16
N SER A 302 24.65 -12.84 22.86
CA SER A 302 24.64 -12.88 24.32
C SER A 302 23.25 -12.52 24.84
N GLY A 303 22.68 -13.41 25.65
CA GLY A 303 21.36 -13.20 26.22
C GLY A 303 20.26 -13.61 25.28
N LYS A 304 20.62 -13.94 24.04
CA LYS A 304 19.64 -14.37 23.03
C LYS A 304 19.40 -15.88 23.09
N HIS A 305 18.42 -16.34 22.31
CA HIS A 305 18.16 -17.76 22.15
C HIS A 305 17.68 -18.08 20.74
N LEU A 306 18.32 -19.06 20.11
CA LEU A 306 17.83 -19.55 18.83
C LEU A 306 17.32 -20.96 19.01
N GLN A 307 16.04 -21.17 18.75
CA GLN A 307 15.47 -22.51 18.90
C GLN A 307 16.02 -23.40 17.79
N GLY A 308 16.42 -24.61 18.16
CA GLY A 308 17.02 -25.53 17.22
C GLY A 308 16.00 -26.35 16.45
N GLY A 309 16.50 -27.34 15.71
CA GLY A 309 15.65 -28.27 14.98
C GLY A 309 14.72 -27.59 13.98
N MET A 310 13.48 -28.06 13.96
CA MET A 310 12.46 -27.50 13.08
C MET A 310 11.28 -27.00 13.87
N PRO A 311 10.86 -25.76 13.60
CA PRO A 311 9.66 -25.21 14.25
C PRO A 311 8.39 -25.74 13.59
N GLY A 312 7.54 -26.39 14.38
CA GLY A 312 6.29 -26.92 13.87
C GLY A 312 6.22 -28.43 13.96
N MET A 313 7.30 -29.04 14.45
CA MET A 313 7.33 -30.48 14.62
C MET A 313 8.21 -30.87 15.79
N ASN A 314 7.77 -31.88 16.53
CA ASN A 314 8.52 -32.41 17.64
C ASN A 314 9.86 -32.98 17.18
N GLU A 315 10.73 -33.28 18.12
CA GLU A 315 12.09 -33.72 17.79
C GLU A 315 12.10 -35.16 17.31
N MET A 316 11.05 -35.91 17.62
CA MET A 316 10.89 -37.26 17.10
C MET A 316 10.61 -37.22 15.60
N ASP A 317 9.62 -36.42 15.21
CA ASP A 317 9.25 -36.32 13.79
C ASP A 317 10.20 -35.42 13.02
N TYR A 318 11.10 -34.76 13.74
CA TYR A 318 12.18 -34.03 13.10
C TYR A 318 13.25 -35.02 12.68
N TRP A 319 13.57 -35.95 13.57
CA TRP A 319 14.57 -36.99 13.29
C TRP A 319 14.23 -37.79 12.05
N ASN A 320 12.94 -37.98 11.81
CA ASN A 320 12.51 -38.66 10.60
C ASN A 320 12.93 -37.86 9.38
N ARG A 321 12.63 -36.56 9.40
CA ARG A 321 12.92 -35.68 8.29
C ARG A 321 14.41 -35.61 7.97
N LEU A 322 15.25 -35.84 8.98
CA LEU A 322 16.70 -35.84 8.78
C LEU A 322 17.16 -37.14 8.15
N ASN A 323 16.60 -38.26 8.60
CA ASN A 323 16.93 -39.57 8.06
C ASN A 323 15.94 -40.00 6.99
N SER A 324 15.96 -39.32 5.85
CA SER A 324 15.04 -39.63 4.76
C SER A 324 15.66 -39.45 3.38
N LEU A 325 14.91 -39.84 2.35
CA LEU A 325 15.41 -39.87 0.97
C LEU A 325 16.00 -38.55 0.48
N ASN A 326 15.28 -37.45 0.69
CA ASN A 326 15.75 -36.15 0.21
C ASN A 326 17.09 -35.78 0.83
N ARG A 327 17.37 -36.31 2.02
CA ARG A 327 18.70 -36.16 2.60
C ARG A 327 19.72 -36.89 1.74
N ALA A 328 19.27 -37.96 1.09
CA ALA A 328 20.12 -38.75 0.22
C ALA A 328 20.12 -38.19 -1.19
N ARG A 329 18.96 -37.78 -1.68
CA ARG A 329 18.87 -37.18 -3.00
C ARG A 329 19.72 -35.90 -3.06
N CYS A 330 19.81 -35.20 -1.93
CA CYS A 330 20.63 -34.01 -1.84
C CYS A 330 22.12 -34.35 -1.97
N GLU A 331 22.54 -35.39 -1.29
CA GLU A 331 23.94 -35.82 -1.31
C GLU A 331 24.31 -36.49 -2.63
N ASN A 332 23.30 -36.78 -3.45
CA ASN A 332 23.52 -37.52 -4.70
C ASN A 332 23.06 -36.79 -5.97
N ASP A 333 21.91 -36.13 -5.90
CA ASP A 333 21.35 -35.45 -7.07
C ASP A 333 21.80 -33.99 -7.12
N VAL A 334 22.63 -33.65 -8.09
CA VAL A 334 23.23 -32.31 -8.17
C VAL A 334 22.24 -31.24 -8.64
N ASP A 335 21.35 -31.62 -9.55
CA ASP A 335 20.34 -30.68 -10.03
C ASP A 335 19.35 -30.35 -8.92
N PHE A 336 18.94 -31.38 -8.18
CA PHE A 336 17.99 -31.21 -7.09
C PHE A 336 18.56 -30.32 -5.99
N CYS A 337 19.81 -30.58 -5.63
CA CYS A 337 20.46 -29.84 -4.55
C CYS A 337 20.55 -28.34 -4.85
N LEU A 338 20.86 -28.00 -6.10
CA LEU A 338 20.93 -26.59 -6.50
C LEU A 338 19.55 -25.93 -6.39
N LYS A 339 18.52 -26.63 -6.84
CA LYS A 339 17.16 -26.11 -6.78
C LYS A 339 16.75 -25.85 -5.33
N GLN A 340 17.07 -26.80 -4.46
CA GLN A 340 16.72 -26.71 -3.05
C GLN A 340 17.31 -25.48 -2.38
N LEU A 341 18.59 -25.22 -2.64
CA LEU A 341 19.23 -24.02 -2.10
C LEU A 341 18.64 -22.79 -2.78
N GLN A 342 18.58 -22.84 -4.11
CA GLN A 342 18.06 -21.75 -4.92
C GLN A 342 16.76 -21.17 -4.37
N THR A 343 15.80 -22.05 -4.11
CA THR A 343 14.50 -21.61 -3.61
C THR A 343 14.61 -21.09 -2.18
N ALA A 344 15.49 -21.71 -1.40
CA ALA A 344 15.74 -21.28 -0.03
C ALA A 344 16.34 -19.88 0.01
N HIS A 345 17.33 -19.65 -0.83
CA HIS A 345 17.97 -18.35 -0.91
C HIS A 345 16.96 -17.31 -1.38
N ASP A 346 16.29 -17.61 -2.48
CA ASP A 346 15.27 -16.72 -3.04
C ASP A 346 14.17 -16.44 -2.03
N LYS A 347 13.93 -17.40 -1.15
CA LYS A 347 12.93 -17.23 -0.10
C LYS A 347 13.43 -16.21 0.93
N ALA A 348 14.69 -16.36 1.33
CA ALA A 348 15.27 -15.49 2.34
C ALA A 348 15.34 -14.03 1.88
N LYS A 349 14.91 -13.77 0.64
CA LYS A 349 14.85 -12.40 0.13
C LYS A 349 13.46 -11.79 0.32
N ILE A 350 12.47 -12.65 0.52
CA ILE A 350 11.09 -12.18 0.70
C ILE A 350 10.73 -12.06 2.17
N GLU A 351 10.87 -13.16 2.90
CA GLU A 351 10.49 -13.24 4.30
C GLU A 351 10.99 -12.05 5.13
N PRO A 352 12.23 -11.60 4.89
CA PRO A 352 12.70 -10.41 5.61
C PRO A 352 11.83 -9.17 5.34
N ILE A 353 11.19 -9.10 4.18
CA ILE A 353 10.32 -7.97 3.88
C ILE A 353 9.01 -8.08 4.65
N LYS A 354 8.46 -9.30 4.70
CA LYS A 354 7.25 -9.55 5.47
C LYS A 354 7.43 -9.15 6.95
N GLN A 355 8.58 -9.48 7.51
CA GLN A 355 8.88 -9.21 8.92
C GLN A 355 9.00 -7.72 9.20
N ALA A 356 9.28 -6.95 8.17
CA ALA A 356 9.52 -5.53 8.32
C ALA A 356 8.23 -4.80 8.68
N PHE A 357 7.12 -5.26 8.14
CA PHE A 357 5.81 -4.65 8.40
C PHE A 357 4.92 -5.60 9.17
N GLN A 358 3.80 -5.10 9.67
CA GLN A 358 2.90 -5.92 10.46
C GLN A 358 2.13 -6.88 9.56
N SER A 359 1.63 -7.96 10.11
CA SER A 359 1.13 -9.06 9.33
C SER A 359 -0.12 -8.80 8.61
N SER A 360 -0.28 -9.48 7.51
CA SER A 360 -1.51 -9.47 6.78
C SER A 360 -2.35 -10.58 7.30
N LYS A 361 -3.52 -10.71 6.72
CA LYS A 361 -4.47 -11.74 7.08
C LYS A 361 -4.75 -12.63 5.88
N GLY A 362 -5.73 -12.22 5.09
CA GLY A 362 -6.12 -12.88 3.87
C GLY A 362 -5.86 -12.02 2.67
N LYS A 363 -5.85 -12.61 1.50
CA LYS A 363 -5.53 -11.89 0.28
C LYS A 363 -6.61 -11.00 -0.17
N GLU A 364 -7.77 -11.14 0.40
CA GLU A 364 -8.96 -10.50 -0.11
C GLU A 364 -8.83 -8.99 -0.25
N ARG A 365 -9.43 -8.47 -1.31
CA ARG A 365 -9.58 -7.03 -1.48
C ARG A 365 -10.43 -6.48 -0.33
N ARG A 366 -10.24 -5.21 -0.04
CA ARG A 366 -10.88 -4.59 1.12
C ARG A 366 -12.40 -4.41 0.96
N GLN A 367 -13.02 -3.75 1.95
CA GLN A 367 -14.45 -3.42 1.90
C GLN A 367 -14.65 -1.91 1.86
N PRO A 368 -15.67 -1.46 1.12
CA PRO A 368 -15.93 -0.04 0.87
C PRO A 368 -16.06 0.77 2.15
N ASN A 369 -15.48 1.97 2.19
CA ASN A 369 -15.74 2.89 3.27
C ASN A 369 -16.83 3.86 2.84
N VAL A 370 -17.12 4.84 3.68
CA VAL A 370 -18.20 5.77 3.41
C VAL A 370 -18.03 6.41 2.04
N ASP A 371 -16.82 6.90 1.78
CA ASP A 371 -16.56 7.70 0.59
C ASP A 371 -16.72 6.90 -0.70
N GLU A 372 -16.22 5.67 -0.73
CA GLU A 372 -16.34 4.84 -1.93
C GLU A 372 -17.78 4.41 -2.19
N ILE A 373 -18.53 4.23 -1.11
CA ILE A 373 -19.95 3.91 -1.23
C ILE A 373 -20.70 5.04 -1.93
N ALA A 374 -20.49 6.25 -1.41
CA ALA A 374 -21.10 7.46 -1.97
C ALA A 374 -20.55 7.74 -3.36
N ALA A 375 -19.27 7.45 -3.54
CA ALA A 375 -18.62 7.67 -4.82
C ALA A 375 -19.32 6.89 -5.91
N ALA A 376 -19.49 5.59 -5.68
CA ALA A 376 -20.09 4.72 -6.69
C ALA A 376 -21.52 5.14 -7.00
N ARG A 377 -22.18 5.79 -6.04
CA ARG A 377 -23.53 6.30 -6.26
C ARG A 377 -23.52 7.41 -7.30
N ILE A 378 -22.59 8.34 -7.15
CA ILE A 378 -22.43 9.45 -8.08
C ILE A 378 -22.14 8.97 -9.48
N ILE A 379 -21.14 8.13 -9.61
CA ILE A 379 -20.79 7.53 -10.90
C ILE A 379 -22.01 6.90 -11.55
N GLN A 380 -22.78 6.16 -10.76
CA GLN A 380 -23.94 5.44 -11.25
C GLN A 380 -24.97 6.37 -11.85
N GLN A 381 -25.21 7.49 -11.16
CA GLN A 381 -26.20 8.45 -11.59
C GLN A 381 -25.73 9.20 -12.83
N ILE A 382 -24.42 9.46 -12.90
CA ILE A 382 -23.83 10.09 -14.08
C ILE A 382 -24.07 9.24 -15.33
N LEU A 383 -23.79 7.95 -15.21
CA LEU A 383 -24.03 7.01 -16.31
C LEU A 383 -25.52 6.91 -16.61
N ALA A 384 -26.33 7.04 -15.57
CA ALA A 384 -27.78 6.97 -15.72
C ALA A 384 -28.33 8.23 -16.35
N ASN A 385 -27.97 9.38 -15.80
CA ASN A 385 -28.45 10.67 -16.29
C ASN A 385 -27.32 11.56 -16.82
N PRO A 386 -26.82 11.26 -18.03
CA PRO A 386 -25.71 11.99 -18.64
C PRO A 386 -26.00 13.48 -18.81
N ASP A 387 -27.28 13.84 -18.77
CA ASP A 387 -27.72 15.21 -18.99
C ASP A 387 -26.99 16.20 -18.09
N CYS A 388 -26.56 15.72 -16.92
CA CYS A 388 -25.95 16.57 -15.91
C CYS A 388 -24.50 16.93 -16.20
N ILE A 389 -23.96 16.38 -17.28
CA ILE A 389 -22.56 16.63 -17.63
C ILE A 389 -22.43 17.93 -18.43
N HIS A 390 -21.54 18.81 -17.97
CA HIS A 390 -21.37 20.10 -18.61
C HIS A 390 -19.97 20.33 -19.13
N ASP A 391 -19.67 21.57 -19.50
CA ASP A 391 -18.40 21.91 -20.13
C ASP A 391 -17.23 21.85 -19.15
N ASP A 392 -17.50 22.06 -17.87
CA ASP A 392 -16.42 22.10 -16.89
C ASP A 392 -16.88 21.64 -15.50
N HIS A 393 -18.01 20.94 -15.46
CA HIS A 393 -18.53 20.46 -14.19
C HIS A 393 -19.74 19.57 -14.40
N VAL A 394 -20.04 18.75 -13.39
CA VAL A 394 -21.25 17.95 -13.39
C VAL A 394 -22.17 18.41 -12.27
N LEU A 395 -23.44 18.57 -12.59
CA LEU A 395 -24.40 19.09 -11.62
C LEU A 395 -25.43 18.02 -11.24
N ILE A 396 -25.56 17.76 -9.95
CA ILE A 396 -26.53 16.79 -9.47
C ILE A 396 -27.19 17.30 -8.19
N ASN A 397 -28.53 17.30 -8.18
CA ASN A 397 -29.30 17.76 -7.03
C ASN A 397 -28.76 19.05 -6.45
N GLY A 398 -28.33 19.95 -7.33
CA GLY A 398 -27.88 21.27 -6.91
C GLY A 398 -26.43 21.33 -6.46
N GLN A 399 -25.72 20.21 -6.58
CA GLN A 399 -24.33 20.18 -6.17
C GLN A 399 -23.41 20.25 -7.39
N LYS A 400 -22.43 21.16 -7.32
CA LYS A 400 -21.48 21.35 -8.41
C LYS A 400 -20.21 20.55 -8.14
N LEU A 401 -19.95 19.57 -9.01
CA LEU A 401 -18.78 18.72 -8.89
C LEU A 401 -17.73 19.11 -9.93
N GLU A 402 -16.69 19.78 -9.48
CA GLU A 402 -15.67 20.31 -10.38
C GLU A 402 -14.74 19.25 -10.92
N GLN A 403 -13.58 19.68 -11.42
CA GLN A 403 -12.59 18.79 -11.96
C GLN A 403 -11.83 18.05 -10.88
N GLN A 404 -11.29 18.80 -9.93
CA GLN A 404 -10.42 18.25 -8.89
C GLN A 404 -11.12 17.14 -8.08
N PHE A 405 -12.44 17.20 -8.00
CA PHE A 405 -13.21 16.19 -7.29
C PHE A 405 -12.99 14.81 -7.90
N PHE A 406 -13.22 14.72 -9.20
CA PHE A 406 -13.06 13.46 -9.92
C PHE A 406 -11.61 13.02 -9.95
N ARG A 407 -10.69 13.96 -9.77
CA ARG A 407 -9.28 13.63 -9.63
C ARG A 407 -9.05 13.06 -8.23
N ASP A 408 -9.69 13.67 -7.24
CA ASP A 408 -9.60 13.15 -5.87
C ASP A 408 -10.23 11.77 -5.80
N LEU A 409 -11.29 11.58 -6.57
CA LEU A 409 -11.99 10.30 -6.60
C LEU A 409 -11.10 9.20 -7.17
N LEU A 410 -10.20 9.56 -8.07
CA LEU A 410 -9.27 8.61 -8.66
C LEU A 410 -8.07 8.37 -7.75
N ALA A 411 -7.82 9.34 -6.87
CA ALA A 411 -6.63 9.35 -6.04
C ALA A 411 -6.82 8.62 -4.71
N LYS A 412 -8.01 8.73 -4.15
CA LYS A 412 -8.25 8.21 -2.80
C LYS A 412 -9.16 6.99 -2.78
N CYS A 413 -9.79 6.67 -3.90
CA CYS A 413 -10.77 5.60 -3.92
C CYS A 413 -10.25 4.32 -4.53
N GLU A 414 -10.27 3.25 -3.75
CA GLU A 414 -10.02 1.92 -4.28
C GLU A 414 -11.01 1.65 -5.41
N MET A 415 -10.59 1.96 -6.63
CA MET A 415 -11.46 1.86 -7.79
C MET A 415 -11.86 0.43 -8.14
N ALA A 416 -11.07 -0.54 -7.70
CA ALA A 416 -11.45 -1.94 -7.88
C ALA A 416 -12.64 -2.24 -6.98
N VAL A 417 -12.64 -1.58 -5.82
CA VAL A 417 -13.70 -1.74 -4.84
C VAL A 417 -14.97 -0.98 -5.24
N VAL A 418 -14.80 0.20 -5.82
CA VAL A 418 -15.96 0.96 -6.30
C VAL A 418 -16.60 0.22 -7.47
N GLY A 419 -15.78 -0.42 -8.28
CA GLY A 419 -16.27 -1.17 -9.42
C GLY A 419 -17.19 -2.33 -9.04
N SER A 420 -16.97 -2.91 -7.87
CA SER A 420 -17.79 -4.04 -7.43
C SER A 420 -19.20 -3.58 -7.07
N LEU A 421 -19.33 -2.32 -6.66
CA LEU A 421 -20.60 -1.73 -6.27
C LEU A 421 -21.44 -1.32 -7.47
N LEU A 422 -20.90 -1.52 -8.68
CA LEU A 422 -21.64 -1.23 -9.89
C LEU A 422 -22.20 -2.53 -10.47
N ASN A 423 -23.10 -2.39 -11.44
CA ASN A 423 -23.79 -3.55 -12.02
C ASN A 423 -23.88 -3.50 -13.54
N ASP A 424 -24.51 -4.52 -14.12
CA ASP A 424 -24.66 -4.60 -15.56
C ASP A 424 -25.47 -3.42 -16.10
N THR A 425 -26.41 -2.94 -15.31
CA THR A 425 -27.19 -1.77 -15.68
C THR A 425 -26.27 -0.56 -15.86
N ASP A 426 -25.23 -0.48 -15.03
CA ASP A 426 -24.28 0.60 -15.09
C ASP A 426 -23.35 0.44 -16.30
N ILE A 427 -23.12 -0.81 -16.69
CA ILE A 427 -22.40 -1.10 -17.93
C ILE A 427 -23.20 -0.61 -19.12
N GLY A 428 -24.49 -0.96 -19.15
CA GLY A 428 -25.36 -0.57 -20.24
C GLY A 428 -25.47 0.92 -20.42
N ASN A 429 -25.20 1.67 -19.36
CA ASN A 429 -25.31 3.12 -19.42
C ASN A 429 -24.10 3.76 -20.10
N ILE A 430 -23.15 2.92 -20.50
CA ILE A 430 -22.02 3.40 -21.29
C ILE A 430 -22.52 3.84 -22.65
N ASP A 431 -23.45 3.07 -23.20
CA ASP A 431 -24.06 3.41 -24.49
C ASP A 431 -24.79 4.73 -24.41
N THR A 432 -25.57 4.91 -23.35
CA THR A 432 -26.31 6.16 -23.17
C THR A 432 -25.34 7.28 -22.81
N LEU A 433 -24.28 6.96 -22.09
CA LEU A 433 -23.27 7.94 -21.76
C LEU A 433 -22.51 8.38 -23.00
N MET A 434 -22.28 7.43 -23.91
CA MET A 434 -21.52 7.70 -25.12
C MET A 434 -22.36 8.40 -26.18
N ARG A 435 -23.68 8.19 -26.15
CA ARG A 435 -24.56 8.90 -27.06
C ARG A 435 -24.58 10.38 -26.69
N HIS A 436 -24.80 10.66 -25.41
CA HIS A 436 -24.85 12.03 -24.93
C HIS A 436 -23.54 12.77 -25.17
N GLU A 437 -22.47 12.03 -25.42
CA GLU A 437 -21.18 12.65 -25.61
C GLU A 437 -20.67 12.55 -27.04
N LYS A 438 -20.13 13.66 -27.52
CA LYS A 438 -19.46 13.70 -28.81
C LYS A 438 -18.20 14.52 -28.64
N ASP A 439 -17.47 14.24 -27.56
CA ASP A 439 -16.28 15.01 -27.23
C ASP A 439 -15.00 14.29 -27.60
N THR A 440 -13.87 14.99 -27.47
CA THR A 440 -12.60 14.53 -28.04
C THR A 440 -11.57 14.10 -27.01
N GLU A 441 -11.11 12.85 -27.11
CA GLU A 441 -10.01 12.35 -26.28
C GLU A 441 -8.67 12.58 -26.97
N PHE A 442 -7.64 12.90 -26.19
CA PHE A 442 -6.32 13.20 -26.75
C PHE A 442 -5.28 12.15 -26.38
N HIS A 443 -4.13 12.22 -27.06
CA HIS A 443 -3.02 11.29 -26.82
C HIS A 443 -2.20 11.69 -25.60
N SER A 444 -1.68 10.71 -24.88
CA SER A 444 -0.69 10.99 -23.85
C SER A 444 0.62 11.30 -24.55
N THR A 445 1.02 12.58 -24.51
CA THR A 445 2.07 13.08 -25.38
C THR A 445 1.64 12.84 -26.83
N ASN A 446 2.60 12.83 -27.74
CA ASN A 446 2.29 12.80 -29.16
C ASN A 446 1.31 13.91 -29.52
N PRO A 447 1.61 15.17 -29.14
CA PRO A 447 0.71 16.29 -29.39
C PRO A 447 0.29 16.37 -30.86
N GLU A 448 1.16 15.88 -31.74
CA GLU A 448 0.83 15.73 -33.15
C GLU A 448 0.12 14.40 -33.35
N ALA A 449 -1.09 14.28 -32.81
CA ALA A 449 -1.88 13.06 -32.93
C ALA A 449 -3.35 13.37 -33.17
N VAL A 450 -4.02 12.53 -33.97
CA VAL A 450 -5.41 12.72 -34.32
C VAL A 450 -6.33 12.55 -33.11
N PRO A 451 -7.06 13.62 -32.74
CA PRO A 451 -8.03 13.50 -31.65
C PRO A 451 -9.16 12.58 -32.05
N VAL A 452 -9.73 11.87 -31.09
CA VAL A 452 -10.81 10.94 -31.37
C VAL A 452 -12.09 11.32 -30.66
N LYS A 453 -13.19 11.41 -31.41
CA LYS A 453 -14.49 11.60 -30.79
C LYS A 453 -14.89 10.32 -30.09
N ILE A 454 -14.93 10.39 -28.76
CA ILE A 454 -15.09 9.21 -27.92
C ILE A 454 -16.53 8.71 -27.91
N GLY A 455 -17.48 9.64 -27.86
CA GLY A 455 -18.88 9.28 -27.91
C GLY A 455 -19.23 8.61 -29.23
N GLU A 456 -18.88 9.27 -30.33
CA GLU A 456 -19.13 8.74 -31.66
C GLU A 456 -18.41 7.42 -31.91
N TYR A 457 -17.22 7.26 -31.33
CA TYR A 457 -16.45 6.04 -31.55
C TYR A 457 -17.09 4.85 -30.85
N TRP A 458 -17.51 5.04 -29.60
CA TRP A 458 -18.07 3.94 -28.83
C TRP A 458 -19.32 3.37 -29.47
N ILE A 459 -20.29 4.24 -29.69
CA ILE A 459 -21.58 3.85 -30.26
C ILE A 459 -21.41 3.00 -31.52
N ASN A 460 -20.72 3.55 -32.50
CA ASN A 460 -20.48 2.84 -33.75
C ASN A 460 -19.67 1.58 -33.55
N ASP A 461 -18.91 1.54 -32.45
CA ASP A 461 -18.13 0.35 -32.11
C ASP A 461 -19.06 -0.79 -31.75
N GLN A 462 -20.14 -0.46 -31.06
CA GLN A 462 -21.09 -1.46 -30.59
C GLN A 462 -22.04 -1.91 -31.69
N ARG A 463 -22.34 -1.01 -32.63
CA ARG A 463 -23.24 -1.35 -33.73
C ARG A 463 -22.68 -2.48 -34.58
N ILE A 464 -21.41 -2.36 -34.94
CA ILE A 464 -20.78 -3.31 -35.84
C ILE A 464 -20.31 -4.57 -35.10
N ASN A 465 -19.66 -4.36 -33.96
CA ASN A 465 -19.07 -5.47 -33.20
C ASN A 465 -20.06 -6.15 -32.25
N ASN A 466 -20.92 -5.35 -31.64
CA ASN A 466 -21.93 -5.89 -30.74
C ASN A 466 -23.31 -5.83 -31.36
N SER A 467 -23.50 -6.60 -32.43
CA SER A 467 -24.77 -6.66 -33.14
C SER A 467 -25.90 -7.02 -32.18
N SER A 468 -25.62 -7.96 -31.29
CA SER A 468 -26.63 -8.47 -30.36
C SER A 468 -26.93 -7.48 -29.24
N GLY A 469 -25.91 -6.79 -28.77
CA GLY A 469 -26.07 -5.90 -27.63
C GLY A 469 -25.83 -6.66 -26.33
N ASN A 470 -25.34 -7.89 -26.47
CA ASN A 470 -25.03 -8.75 -25.33
C ASN A 470 -24.20 -8.03 -24.27
N ILE A 471 -24.72 -8.02 -23.04
CA ILE A 471 -24.08 -7.26 -21.96
C ILE A 471 -22.71 -7.82 -21.63
N THR A 472 -22.59 -9.15 -21.68
CA THR A 472 -21.31 -9.81 -21.44
C THR A 472 -20.27 -9.29 -22.41
N GLN A 473 -20.65 -9.22 -23.69
CA GLN A 473 -19.76 -8.75 -24.74
C GLN A 473 -19.29 -7.31 -24.49
N LYS A 474 -20.24 -6.44 -24.17
CA LYS A 474 -19.96 -5.03 -23.88
C LYS A 474 -18.74 -4.86 -22.99
N LYS A 475 -18.67 -5.69 -21.95
CA LYS A 475 -17.56 -5.65 -21.02
C LYS A 475 -16.24 -5.97 -21.73
N HIS A 476 -16.26 -6.99 -22.57
CA HIS A 476 -15.09 -7.34 -23.36
C HIS A 476 -14.70 -6.21 -24.30
N ASP A 477 -15.70 -5.54 -24.86
CA ASP A 477 -15.48 -4.44 -25.78
C ASP A 477 -14.87 -3.25 -25.05
N LEU A 478 -15.39 -2.98 -23.85
CA LEU A 478 -14.82 -1.94 -23.00
C LEU A 478 -13.37 -2.26 -22.70
N ILE A 479 -13.12 -3.51 -22.33
CA ILE A 479 -11.76 -3.97 -22.05
C ILE A 479 -10.92 -3.92 -23.31
N PHE A 480 -11.53 -4.28 -24.44
CA PHE A 480 -10.83 -4.20 -25.71
C PHE A 480 -10.50 -2.76 -26.04
N LEU A 481 -11.43 -1.85 -25.76
CA LEU A 481 -11.19 -0.43 -25.97
C LEU A 481 -10.01 0.04 -25.14
N MET A 482 -9.82 -0.61 -24.00
CA MET A 482 -8.69 -0.35 -23.12
C MET A 482 -7.38 -0.72 -23.75
N GLN A 483 -7.33 -1.85 -24.42
CA GLN A 483 -6.10 -2.25 -25.03
C GLN A 483 -6.17 -1.82 -26.44
N ASN A 484 -5.14 -1.17 -26.89
CA ASN A 484 -5.14 -0.50 -28.17
C ASN A 484 -5.63 0.89 -28.09
N ASP A 485 -5.87 1.48 -29.21
CA ASP A 485 -6.47 2.79 -29.10
C ASP A 485 -5.72 3.69 -28.12
N ALA A 486 -4.46 3.97 -28.39
CA ALA A 486 -3.65 4.77 -27.49
C ALA A 486 -4.20 6.19 -27.36
N TRP A 487 -5.29 6.48 -28.05
CA TRP A 487 -5.96 7.76 -27.91
C TRP A 487 -6.85 7.74 -26.68
N TYR A 488 -6.92 6.56 -26.05
CA TYR A 488 -7.79 6.34 -24.90
C TYR A 488 -6.99 5.99 -23.66
N PHE A 489 -6.26 4.87 -23.70
CA PHE A 489 -5.54 4.39 -22.52
C PHE A 489 -4.40 5.32 -22.12
N SER A 490 -3.88 6.07 -23.09
CA SER A 490 -2.79 6.99 -22.83
C SER A 490 -3.28 8.11 -21.92
N ARG A 491 -4.49 8.58 -22.19
CA ARG A 491 -5.10 9.66 -21.42
C ARG A 491 -5.68 9.13 -20.11
N VAL A 492 -6.26 7.93 -20.15
CA VAL A 492 -6.88 7.33 -18.97
C VAL A 492 -5.83 7.02 -17.90
N ASN A 493 -4.73 6.40 -18.32
CA ASN A 493 -3.66 6.05 -17.40
C ASN A 493 -2.89 7.28 -16.93
N ALA A 494 -2.60 8.19 -17.86
CA ALA A 494 -1.89 9.42 -17.53
C ALA A 494 -2.70 10.28 -16.56
N ILE A 495 -4.02 10.24 -16.69
CA ILE A 495 -4.89 10.98 -15.78
C ILE A 495 -5.00 10.27 -14.43
N ALA A 496 -5.20 8.96 -14.48
CA ALA A 496 -5.38 8.15 -13.28
C ALA A 496 -4.22 8.31 -12.30
N GLN A 497 -2.99 8.29 -12.82
CA GLN A 497 -1.81 8.41 -11.98
C GLN A 497 -1.39 9.86 -11.78
N ASN A 498 -2.26 10.78 -12.19
CA ASN A 498 -2.05 12.20 -11.94
C ASN A 498 -0.76 12.74 -12.56
N ARG A 499 -0.29 12.08 -13.61
CA ARG A 499 0.92 12.52 -14.29
C ARG A 499 0.63 12.91 -15.73
N ASP A 500 -0.57 13.43 -15.97
CA ASP A 500 -0.97 13.87 -17.29
C ASP A 500 -0.81 15.39 -17.44
N LYS A 501 -0.83 15.87 -18.67
CA LYS A 501 -0.71 17.29 -18.93
C LYS A 501 -1.74 17.79 -19.95
N GLY A 502 -2.33 18.94 -19.67
CA GLY A 502 -3.31 19.55 -20.55
C GLY A 502 -4.51 18.66 -20.80
N SER A 503 -5.20 18.27 -19.73
CA SER A 503 -6.37 17.41 -19.85
C SER A 503 -7.66 18.19 -19.66
N THR A 504 -8.66 17.88 -20.48
CA THR A 504 -9.97 18.53 -20.37
C THR A 504 -10.81 17.89 -19.29
N PHE A 505 -11.87 18.58 -18.89
CA PHE A 505 -12.79 18.07 -17.88
C PHE A 505 -13.47 16.79 -18.35
N LYS A 506 -13.84 16.76 -19.62
CA LYS A 506 -14.48 15.59 -20.21
C LYS A 506 -13.56 14.36 -20.17
N GLU A 507 -12.25 14.61 -20.21
CA GLU A 507 -11.27 13.53 -20.19
C GLU A 507 -11.02 13.04 -18.77
N VAL A 508 -11.00 13.97 -17.82
CA VAL A 508 -10.84 13.60 -16.41
C VAL A 508 -12.08 12.89 -15.88
N LEU A 509 -13.25 13.42 -16.27
CA LEU A 509 -14.52 12.83 -15.89
C LEU A 509 -14.67 11.40 -16.37
N ILE A 510 -14.47 11.21 -17.67
CA ILE A 510 -14.66 9.88 -18.27
C ILE A 510 -13.66 8.87 -17.74
N THR A 511 -12.45 9.31 -17.42
CA THR A 511 -11.46 8.42 -16.81
C THR A 511 -11.96 7.96 -15.46
N THR A 512 -12.42 8.90 -14.64
CA THR A 512 -12.97 8.61 -13.32
C THR A 512 -14.09 7.58 -13.40
N LEU A 513 -14.83 7.57 -14.50
CA LEU A 513 -15.92 6.64 -14.68
C LEU A 513 -15.46 5.32 -15.29
N MET A 514 -14.64 5.42 -16.34
CA MET A 514 -14.24 4.25 -17.10
C MET A 514 -13.33 3.32 -16.29
N THR A 515 -12.68 3.88 -15.28
CA THR A 515 -11.75 3.12 -14.46
C THR A 515 -12.46 2.00 -13.68
N PRO A 516 -13.43 2.36 -12.82
CA PRO A 516 -14.15 1.37 -12.02
C PRO A 516 -14.97 0.41 -12.90
N LEU A 517 -15.51 0.93 -13.99
CA LEU A 517 -16.28 0.12 -14.93
C LEU A 517 -15.42 -0.92 -15.59
N THR A 518 -14.24 -0.52 -16.04
CA THR A 518 -13.33 -1.43 -16.71
C THR A 518 -12.92 -2.52 -15.73
N SER A 519 -12.66 -2.11 -14.49
CA SER A 519 -12.25 -3.04 -13.45
C SER A 519 -13.35 -4.06 -13.21
N LYS A 520 -14.59 -3.58 -13.12
CA LYS A 520 -15.73 -4.47 -12.97
C LYS A 520 -15.82 -5.43 -14.15
N ALA A 521 -15.59 -4.90 -15.34
CA ALA A 521 -15.64 -5.72 -16.56
C ALA A 521 -14.58 -6.81 -16.53
N LEU A 522 -13.42 -6.47 -15.97
CA LEU A 522 -12.32 -7.43 -15.85
C LEU A 522 -12.64 -8.52 -14.85
N VAL A 523 -13.17 -8.14 -13.69
CA VAL A 523 -13.50 -9.07 -12.64
C VAL A 523 -14.51 -10.12 -13.10
N ASP A 524 -15.56 -9.65 -13.76
CA ASP A 524 -16.62 -10.54 -14.27
C ASP A 524 -16.11 -11.45 -15.38
N THR A 525 -15.34 -10.87 -16.30
CA THR A 525 -14.82 -11.60 -17.46
C THR A 525 -13.80 -12.68 -17.11
N SER A 526 -12.66 -12.26 -16.59
CA SER A 526 -11.54 -13.14 -16.35
C SER A 526 -11.89 -14.33 -15.45
N GLN A 527 -11.85 -15.53 -16.03
CA GLN A 527 -12.08 -16.74 -15.26
C GLN A 527 -10.82 -17.60 -15.28
N ALA A 528 -9.70 -16.97 -15.57
CA ALA A 528 -8.42 -17.66 -15.66
C ALA A 528 -7.69 -17.60 -14.32
N LYS A 529 -6.85 -18.60 -14.07
CA LYS A 529 -6.06 -18.66 -12.83
C LYS A 529 -5.04 -17.53 -12.77
N PRO A 530 -4.93 -16.88 -11.59
CA PRO A 530 -4.01 -15.74 -11.42
C PRO A 530 -2.55 -16.17 -11.56
N PRO A 531 -1.82 -15.57 -12.51
CA PRO A 531 -0.42 -15.92 -12.72
C PRO A 531 0.46 -15.61 -11.52
N THR A 532 1.58 -16.32 -11.43
CA THR A 532 2.55 -16.12 -10.35
C THR A 532 3.61 -15.11 -10.77
N ARG A 533 3.77 -14.91 -12.08
CA ARG A 533 4.79 -14.01 -12.58
C ARG A 533 4.29 -13.18 -13.75
N LEU A 534 4.42 -11.86 -13.63
CA LEU A 534 3.99 -10.95 -14.66
C LEU A 534 5.12 -10.00 -15.04
N PHE A 535 5.08 -9.50 -16.26
CA PHE A 535 6.10 -8.58 -16.74
C PHE A 535 5.47 -7.30 -17.26
N ARG A 536 6.09 -6.17 -16.96
CA ARG A 536 5.59 -4.90 -17.43
C ARG A 536 6.73 -4.01 -17.91
N GLY A 537 6.57 -3.43 -19.09
CA GLY A 537 7.60 -2.60 -19.69
C GLY A 537 7.22 -1.14 -19.76
N LEU A 538 8.20 -0.28 -19.55
CA LEU A 538 8.00 1.16 -19.65
C LEU A 538 9.16 1.77 -20.42
N ASN A 539 8.91 2.93 -21.03
CA ASN A 539 9.98 3.66 -21.69
C ASN A 539 10.34 4.89 -20.89
N LEU A 540 11.58 4.92 -20.41
CA LEU A 540 12.02 6.00 -19.55
C LEU A 540 13.45 6.42 -19.87
N SER A 541 13.79 7.66 -19.55
CA SER A 541 15.14 8.18 -19.77
C SER A 541 16.14 7.39 -18.93
N GLU A 542 17.35 7.21 -19.45
CA GLU A 542 18.36 6.43 -18.74
C GLU A 542 18.70 7.08 -17.41
N GLU A 543 18.51 8.40 -17.35
CA GLU A 543 18.83 9.14 -16.14
C GLU A 543 17.71 9.02 -15.10
N PHE A 544 16.46 8.98 -15.56
CA PHE A 544 15.33 8.77 -14.66
C PHE A 544 15.28 7.32 -14.18
N THR A 545 15.78 6.41 -15.01
CA THR A 545 15.91 5.01 -14.62
C THR A 545 17.04 4.85 -13.61
N LYS A 546 18.00 5.78 -13.68
CA LYS A 546 19.14 5.77 -12.78
C LYS A 546 18.66 5.98 -11.35
N GLY A 547 17.64 6.83 -11.20
CA GLY A 547 17.07 7.12 -9.90
C GLY A 547 16.24 5.98 -9.36
N LEU A 548 15.62 5.21 -10.26
CA LEU A 548 14.86 4.05 -9.86
C LEU A 548 15.77 2.96 -9.33
N ILE A 549 16.95 2.83 -9.92
CA ILE A 549 17.89 1.80 -9.53
C ILE A 549 18.47 2.07 -8.15
N ASP A 550 18.60 3.36 -7.81
CA ASP A 550 19.10 3.76 -6.51
C ASP A 550 18.08 3.50 -5.40
N GLN A 551 16.85 3.93 -5.64
CA GLN A 551 15.75 3.68 -4.70
C GLN A 551 15.56 2.17 -4.51
N ALA A 552 15.69 1.43 -5.60
CA ALA A 552 15.56 -0.02 -5.56
C ALA A 552 16.71 -0.65 -4.79
N ASN A 553 17.90 -0.07 -4.93
CA ASN A 553 19.08 -0.60 -4.26
C ASN A 553 19.08 -0.27 -2.78
N ALA A 554 18.36 0.78 -2.40
CA ALA A 554 18.23 1.15 -1.00
C ALA A 554 17.48 0.08 -0.24
N MET A 555 16.38 -0.40 -0.82
CA MET A 555 15.50 -1.33 -0.14
C MET A 555 16.10 -2.72 -0.09
N ILE A 556 16.82 -3.08 -1.15
CA ILE A 556 17.46 -4.38 -1.23
C ILE A 556 18.63 -4.44 -0.26
N ALA A 557 19.23 -3.28 -0.01
CA ALA A 557 20.46 -3.20 0.79
C ALA A 557 20.18 -3.25 2.29
N ASN A 558 19.07 -2.65 2.69
CA ASN A 558 18.74 -2.54 4.11
C ASN A 558 17.81 -3.65 4.62
N THR A 559 17.35 -4.52 3.73
CA THR A 559 16.53 -5.66 4.14
C THR A 559 17.38 -6.92 4.19
N THR A 560 17.61 -7.43 5.40
CA THR A 560 18.47 -8.60 5.58
C THR A 560 17.80 -9.63 6.47
N GLU A 561 18.06 -10.90 6.18
CA GLU A 561 17.54 -11.99 6.99
C GLU A 561 18.06 -11.83 8.42
N ARG A 562 17.31 -12.35 9.38
CA ARG A 562 17.64 -12.16 10.78
C ARG A 562 18.38 -13.36 11.37
N LEU A 563 19.18 -13.09 12.39
CA LEU A 563 19.76 -14.14 13.22
C LEU A 563 19.42 -13.86 14.67
N PHE A 564 20.12 -12.89 15.26
CA PHE A 564 19.81 -12.44 16.61
C PHE A 564 19.14 -11.07 16.60
N THR A 565 19.90 -10.04 16.21
CA THR A 565 19.42 -8.67 16.26
C THR A 565 18.47 -8.34 15.14
N ASP A 566 17.41 -7.61 15.48
CA ASP A 566 16.34 -7.30 14.53
C ASP A 566 16.59 -6.00 13.77
N HIS A 567 16.92 -6.12 12.48
CA HIS A 567 17.12 -4.95 11.64
C HIS A 567 15.89 -4.64 10.80
N SER A 568 14.71 -4.94 11.35
CA SER A 568 13.43 -4.70 10.66
C SER A 568 13.07 -3.23 10.50
N PRO A 569 13.09 -2.46 11.61
CA PRO A 569 12.72 -1.05 11.58
C PRO A 569 13.40 -0.30 10.46
N GLU A 570 14.69 -0.56 10.25
CA GLU A 570 15.45 0.16 9.24
C GLU A 570 14.98 -0.20 7.83
N ALA A 571 14.75 -1.49 7.59
CA ALA A 571 14.21 -1.92 6.31
C ALA A 571 12.85 -1.26 6.08
N PHE A 572 12.02 -1.25 7.12
CA PHE A 572 10.75 -0.54 7.10
C PHE A 572 10.93 0.89 6.64
N LYS A 573 11.85 1.59 7.29
CA LYS A 573 12.13 2.98 6.97
C LYS A 573 12.55 3.16 5.51
N GLN A 574 13.55 2.39 5.08
CA GLN A 574 14.07 2.52 3.72
C GLN A 574 13.01 2.22 2.67
N ILE A 575 12.12 1.27 2.96
CA ILE A 575 11.07 0.94 2.01
C ILE A 575 9.99 2.02 2.00
N LYS A 576 9.69 2.58 3.15
CA LYS A 576 8.72 3.67 3.22
C LYS A 576 9.28 4.93 2.54
N LEU A 577 10.59 4.95 2.30
CA LEU A 577 11.24 6.12 1.73
C LEU A 577 11.40 6.03 0.21
N ASN A 578 11.72 4.85 -0.28
CA ASN A 578 12.04 4.69 -1.70
C ASN A 578 10.99 3.91 -2.49
N ASP A 579 9.88 3.56 -1.85
CA ASP A 579 8.87 2.68 -2.42
C ASP A 579 8.48 3.03 -3.85
N LEU A 580 8.47 2.01 -4.72
CA LEU A 580 8.17 2.19 -6.14
C LEU A 580 6.78 1.65 -6.50
N SER A 581 6.02 1.25 -5.48
CA SER A 581 4.73 0.62 -5.71
C SER A 581 3.73 1.56 -6.39
N LYS A 582 3.75 2.82 -6.00
CA LYS A 582 2.78 3.78 -6.53
C LYS A 582 3.06 4.15 -7.98
N MET A 583 3.71 3.25 -8.72
CA MET A 583 3.94 3.44 -10.15
C MET A 583 3.06 2.49 -10.93
N SER A 584 2.47 1.52 -10.23
CA SER A 584 1.64 0.52 -10.87
C SER A 584 0.26 0.52 -10.25
N GLY A 585 -0.07 1.62 -9.56
CA GLY A 585 -1.33 1.73 -8.87
C GLY A 585 -2.25 2.78 -9.46
N ARG A 586 -3.40 2.97 -8.83
CA ARG A 586 -4.35 4.01 -9.22
C ARG A 586 -4.95 3.80 -10.60
N THR A 587 -4.47 2.79 -11.32
CA THR A 587 -4.97 2.49 -12.66
C THR A 587 -4.89 1.01 -12.99
N ASN A 588 -5.66 0.61 -13.99
CA ASN A 588 -5.63 -0.78 -14.46
C ASN A 588 -4.41 -1.03 -15.33
N ALA A 589 -3.25 -1.08 -14.68
CA ALA A 589 -1.99 -1.29 -15.38
C ALA A 589 -1.99 -2.61 -16.11
N SER A 590 -1.47 -2.61 -17.33
CA SER A 590 -1.44 -3.79 -18.18
C SER A 590 -0.09 -4.51 -18.12
N THR A 591 -0.14 -5.84 -18.11
CA THR A 591 1.06 -6.66 -17.97
C THR A 591 0.91 -7.95 -18.77
N THR A 592 2.04 -8.61 -19.06
CA THR A 592 2.03 -9.88 -19.78
C THR A 592 2.56 -11.02 -18.92
N THR A 593 2.44 -12.23 -19.44
CA THR A 593 2.96 -13.41 -18.76
C THR A 593 4.14 -13.98 -19.52
N GLU A 594 4.37 -13.47 -20.73
CA GLU A 594 5.49 -13.90 -21.56
C GLU A 594 6.47 -12.75 -21.77
N ILE A 595 7.71 -12.95 -21.34
CA ILE A 595 8.74 -11.91 -21.40
C ILE A 595 8.96 -11.32 -22.79
N LYS A 596 8.84 -12.15 -23.81
CA LYS A 596 9.14 -11.74 -25.18
C LYS A 596 8.39 -10.48 -25.63
N LEU A 597 7.30 -10.16 -24.96
CA LEU A 597 6.47 -9.04 -25.39
C LEU A 597 7.02 -7.70 -24.94
N VAL A 598 7.74 -7.68 -23.82
CA VAL A 598 8.32 -6.44 -23.32
C VAL A 598 9.74 -6.25 -23.84
N LYS A 599 10.49 -7.34 -23.93
CA LYS A 599 11.86 -7.29 -24.41
C LYS A 599 11.92 -7.03 -25.91
N GLU A 600 11.32 -7.92 -26.69
CA GLU A 600 11.41 -7.87 -28.14
C GLU A 600 10.45 -6.83 -28.75
N THR A 601 9.17 -7.16 -28.79
CA THR A 601 8.18 -6.40 -29.53
C THR A 601 8.14 -4.90 -29.21
N TRP A 602 8.28 -4.54 -27.94
CA TRP A 602 8.13 -3.14 -27.54
C TRP A 602 9.44 -2.47 -27.18
N ASP A 603 10.50 -3.27 -27.11
CA ASP A 603 11.84 -2.75 -26.89
C ASP A 603 11.87 -1.87 -25.63
N SER A 604 11.61 -2.50 -24.49
CA SER A 604 11.56 -1.77 -23.22
C SER A 604 12.93 -1.68 -22.57
N ASN A 605 13.25 -0.52 -22.01
CA ASN A 605 14.49 -0.33 -21.27
C ASN A 605 14.28 -0.70 -19.81
N VAL A 606 13.06 -0.54 -19.32
CA VAL A 606 12.72 -0.87 -17.94
C VAL A 606 11.62 -1.93 -17.89
N ILE A 607 11.89 -3.04 -17.21
CA ILE A 607 10.91 -4.10 -17.08
C ILE A 607 10.61 -4.40 -15.62
N PHE A 608 9.33 -4.37 -15.26
CA PHE A 608 8.91 -4.70 -13.91
C PHE A 608 8.47 -6.17 -13.83
N GLU A 609 9.34 -7.01 -13.28
CA GLU A 609 8.98 -8.41 -13.03
C GLU A 609 8.30 -8.51 -11.68
N MET A 610 7.02 -8.87 -11.69
CA MET A 610 6.24 -8.86 -10.46
C MET A 610 5.89 -10.27 -9.99
N LEU A 611 6.54 -10.70 -8.92
CA LEU A 611 6.28 -12.03 -8.35
C LEU A 611 5.05 -12.00 -7.47
N ASP A 612 4.17 -12.98 -7.67
CA ASP A 612 2.88 -12.99 -7.00
C ASP A 612 2.47 -14.41 -6.61
N PRO A 613 3.24 -15.02 -5.69
CA PRO A 613 3.07 -16.40 -5.27
C PRO A 613 1.92 -16.59 -4.26
N ASP A 614 1.63 -15.55 -3.49
CA ASP A 614 0.58 -15.63 -2.50
C ASP A 614 -0.79 -15.31 -3.11
N GLY A 615 -0.80 -15.04 -4.41
CA GLY A 615 -2.05 -14.83 -5.12
C GLY A 615 -2.72 -13.49 -4.85
N LEU A 616 -2.05 -12.60 -4.16
CA LEU A 616 -2.60 -11.28 -3.87
C LEU A 616 -2.40 -10.57 -5.14
N LEU A 617 -2.83 -9.34 -5.24
CA LEU A 617 -2.65 -8.61 -6.47
C LEU A 617 -3.52 -9.09 -7.63
N HIS A 618 -4.77 -9.44 -7.35
CA HIS A 618 -5.58 -10.24 -8.24
C HIS A 618 -5.59 -9.60 -9.55
N SER A 619 -5.26 -10.36 -10.57
CA SER A 619 -5.02 -9.84 -11.87
C SER A 619 -5.95 -10.53 -12.75
N LYS A 620 -6.52 -9.79 -13.67
CA LYS A 620 -7.55 -10.35 -14.53
C LYS A 620 -7.07 -10.44 -15.97
N GLN A 621 -7.46 -11.50 -16.66
CA GLN A 621 -7.08 -11.72 -18.06
C GLN A 621 -7.70 -10.66 -18.97
N VAL A 622 -7.06 -10.42 -20.10
CA VAL A 622 -7.56 -9.44 -21.07
C VAL A 622 -7.39 -9.94 -22.50
N GLY A 623 -8.48 -9.94 -23.24
CA GLY A 623 -8.50 -10.48 -24.59
C GLY A 623 -8.48 -12.00 -24.54
N ARG A 624 -8.16 -12.62 -25.67
CA ARG A 624 -8.02 -14.07 -25.71
C ARG A 624 -6.55 -14.44 -25.85
N HIS A 625 -6.09 -15.38 -25.02
CA HIS A 625 -4.68 -15.79 -25.05
C HIS A 625 -4.47 -16.93 -26.03
N GLY A 626 -3.23 -17.05 -26.51
CA GLY A 626 -2.87 -18.06 -27.49
C GLY A 626 -1.41 -17.92 -27.91
N GLU A 627 -1.06 -18.57 -29.02
CA GLU A 627 0.32 -18.59 -29.51
C GLU A 627 0.94 -17.19 -29.66
N GLY A 628 0.38 -16.40 -30.57
CA GLY A 628 0.95 -15.12 -30.90
C GLY A 628 0.20 -13.93 -30.31
N THR A 629 -0.51 -14.18 -29.22
CA THR A 629 -1.26 -13.11 -28.57
C THR A 629 -0.43 -12.41 -27.50
N GLU A 630 -0.94 -11.28 -27.02
CA GLU A 630 -0.23 -10.48 -26.02
C GLU A 630 -0.18 -11.17 -24.65
N SER A 631 -1.09 -12.12 -24.43
CA SER A 631 -1.20 -12.80 -23.14
C SER A 631 -1.22 -11.78 -22.01
N GLU A 632 -2.18 -10.87 -22.09
CA GLU A 632 -2.21 -9.69 -21.22
C GLU A 632 -3.07 -9.90 -19.98
N PHE A 633 -2.63 -9.30 -18.87
CA PHE A 633 -3.37 -9.30 -17.63
C PHE A 633 -3.42 -7.88 -17.05
N SER A 634 -4.61 -7.42 -16.68
CA SER A 634 -4.75 -6.13 -16.02
C SER A 634 -4.59 -6.28 -14.52
N VAL A 635 -4.03 -5.26 -13.90
CA VAL A 635 -3.83 -5.26 -12.47
C VAL A 635 -4.16 -3.92 -11.86
N TYR A 636 -5.21 -3.87 -11.05
CA TYR A 636 -5.45 -2.68 -10.26
C TYR A 636 -4.87 -2.91 -8.87
N LEU A 637 -3.68 -2.35 -8.63
CA LEU A 637 -2.95 -2.62 -7.39
C LEU A 637 -3.76 -2.25 -6.15
N PRO A 638 -4.04 -3.26 -5.30
CA PRO A 638 -4.69 -3.10 -4.00
C PRO A 638 -3.95 -2.10 -3.12
N GLU A 639 -4.66 -1.37 -2.26
CA GLU A 639 -4.04 -0.25 -1.56
C GLU A 639 -3.18 -0.64 -0.37
N ASP A 640 -3.31 -1.88 0.10
CA ASP A 640 -2.45 -2.36 1.19
C ASP A 640 -1.38 -3.32 0.68
N VAL A 641 -1.29 -3.45 -0.64
CA VAL A 641 -0.29 -4.32 -1.26
C VAL A 641 0.78 -3.49 -1.95
N ALA A 642 2.03 -3.81 -1.67
CA ALA A 642 3.16 -3.08 -2.23
C ALA A 642 4.03 -4.02 -3.04
N LEU A 643 4.69 -3.48 -4.05
CA LEU A 643 5.65 -4.23 -4.85
C LEU A 643 7.07 -3.92 -4.41
N VAL A 644 7.61 -4.75 -3.53
CA VAL A 644 8.91 -4.50 -2.95
C VAL A 644 10.03 -5.21 -3.71
N PRO A 645 11.02 -4.44 -4.20
CA PRO A 645 12.10 -4.98 -5.03
C PRO A 645 12.97 -5.99 -4.29
N VAL A 646 13.29 -7.09 -4.96
CA VAL A 646 14.14 -8.13 -4.40
C VAL A 646 15.49 -8.14 -5.10
N LYS A 647 15.45 -8.02 -6.42
CA LYS A 647 16.67 -7.94 -7.21
C LYS A 647 16.56 -6.91 -8.33
N VAL A 648 17.70 -6.33 -8.68
CA VAL A 648 17.80 -5.37 -9.78
C VAL A 648 18.89 -5.79 -10.75
N THR A 649 18.49 -6.33 -11.90
CA THR A 649 19.46 -6.89 -12.83
C THR A 649 19.55 -6.14 -14.16
N LEU A 650 20.76 -6.11 -14.72
CA LEU A 650 20.98 -5.56 -16.04
C LEU A 650 20.96 -6.68 -17.08
N ASP A 651 20.11 -6.54 -18.09
CA ASP A 651 20.00 -7.58 -19.09
C ASP A 651 20.14 -7.00 -20.51
N GLY A 652 21.37 -6.99 -20.99
CA GLY A 652 21.67 -6.59 -22.35
C GLY A 652 21.25 -5.17 -22.70
N LYS A 653 20.80 -4.99 -23.94
CA LYS A 653 20.39 -3.70 -24.44
C LYS A 653 19.11 -3.82 -25.26
N THR A 654 18.51 -2.68 -25.57
CA THR A 654 17.34 -2.65 -26.43
C THR A 654 17.75 -2.52 -27.89
N GLN A 655 16.80 -2.21 -28.76
CA GLN A 655 17.10 -1.97 -30.17
C GLN A 655 17.77 -0.60 -30.34
N LYS A 656 17.56 0.28 -29.37
CA LYS A 656 18.07 1.64 -29.44
C LYS A 656 19.41 1.79 -28.72
N GLY A 657 20.01 0.66 -28.35
CA GLY A 657 21.37 0.65 -27.83
C GLY A 657 21.54 0.82 -26.34
N GLU A 658 20.52 1.37 -25.68
CA GLU A 658 20.60 1.62 -24.24
C GLU A 658 20.34 0.35 -23.43
N ASN A 659 21.01 0.24 -22.29
CA ASN A 659 20.92 -0.94 -21.45
C ASN A 659 19.51 -1.21 -20.96
N ARG A 660 19.20 -2.47 -20.74
CA ARG A 660 17.88 -2.87 -20.27
C ARG A 660 17.95 -3.36 -18.84
N TYR A 661 17.19 -2.72 -17.97
CA TYR A 661 17.17 -3.09 -16.55
C TYR A 661 15.88 -3.80 -16.18
N VAL A 662 16.02 -4.94 -15.49
CA VAL A 662 14.86 -5.70 -15.07
C VAL A 662 14.73 -5.76 -13.55
N PHE A 663 13.84 -4.94 -13.00
CA PHE A 663 13.52 -4.98 -11.58
C PHE A 663 12.52 -6.10 -11.28
N THR A 664 12.87 -6.98 -10.36
CA THR A 664 11.91 -7.99 -9.93
C THR A 664 11.31 -7.60 -8.58
N PHE A 665 10.00 -7.38 -8.55
CA PHE A 665 9.30 -7.01 -7.34
C PHE A 665 8.62 -8.21 -6.70
N VAL A 666 8.14 -8.03 -5.48
CA VAL A 666 7.39 -9.08 -4.78
C VAL A 666 6.23 -8.47 -4.03
N ALA A 667 5.01 -8.92 -4.37
CA ALA A 667 3.82 -8.41 -3.72
C ALA A 667 3.85 -8.76 -2.24
N VAL A 668 3.54 -7.76 -1.42
CA VAL A 668 3.53 -7.92 0.02
C VAL A 668 2.37 -7.14 0.63
N LYS A 669 1.41 -7.86 1.19
CA LYS A 669 0.20 -7.25 1.74
C LYS A 669 0.40 -6.92 3.22
N SER A 670 0.14 -5.67 3.59
CA SER A 670 0.19 -5.26 4.99
C SER A 670 -0.53 -3.96 5.24
N PRO A 671 -1.17 -3.84 6.40
CA PRO A 671 -1.89 -2.62 6.78
C PRO A 671 -0.98 -1.39 6.89
N ASP A 672 0.33 -1.62 6.80
CA ASP A 672 1.29 -0.52 6.84
C ASP A 672 1.33 0.24 5.51
N PHE A 673 0.71 -0.34 4.49
CA PHE A 673 0.75 0.23 3.15
C PHE A 673 -0.55 0.98 2.81
N THR A 674 -1.58 0.78 3.61
CA THR A 674 -2.84 1.49 3.43
C THR A 674 -2.63 2.98 3.61
N PRO A 675 -2.98 3.77 2.58
CA PRO A 675 -2.80 5.22 2.55
C PRO A 675 -3.76 5.94 3.49
N ARG A 676 -3.25 6.95 4.21
CA ARG A 676 -4.06 7.71 5.16
C ARG A 676 -4.82 8.81 4.45
N HIS A 677 -6.11 8.59 4.20
CA HIS A 677 -6.96 9.57 3.52
C HIS A 677 -8.02 10.12 4.46
N GLU A 678 -8.18 11.44 4.47
CA GLU A 678 -9.25 12.05 5.24
C GLU A 678 -10.59 11.81 4.58
N SER A 679 -11.50 11.16 5.30
CA SER A 679 -12.81 10.82 4.77
C SER A 679 -13.70 12.05 4.61
N GLY A 680 -14.67 11.95 3.72
CA GLY A 680 -15.61 13.03 3.47
C GLY A 680 -15.51 13.61 2.07
N TYR A 681 -14.52 13.17 1.32
CA TYR A 681 -14.23 13.76 0.02
C TYR A 681 -15.27 13.43 -1.06
N ALA A 682 -16.03 12.37 -0.85
CA ALA A 682 -17.02 11.97 -1.84
C ALA A 682 -18.41 11.82 -1.24
N VAL A 683 -18.46 11.70 0.09
CA VAL A 683 -19.74 11.49 0.74
C VAL A 683 -20.35 12.82 1.18
N GLU A 684 -19.52 13.78 1.53
CA GLU A 684 -20.02 15.06 2.03
C GLU A 684 -20.83 15.81 0.98
N PRO A 685 -20.32 15.85 -0.26
CA PRO A 685 -21.15 16.39 -1.35
C PRO A 685 -22.41 15.55 -1.54
N PHE A 686 -22.28 14.25 -1.37
CA PHE A 686 -23.40 13.33 -1.57
C PHE A 686 -24.49 13.50 -0.53
N LEU A 687 -24.10 13.94 0.67
CA LEU A 687 -25.06 14.23 1.73
C LEU A 687 -25.83 15.50 1.42
N ARG A 688 -25.11 16.52 0.94
CA ARG A 688 -25.75 17.77 0.53
C ARG A 688 -26.67 17.51 -0.65
N MET A 689 -26.33 16.53 -1.47
CA MET A 689 -27.15 16.14 -2.60
C MET A 689 -28.51 15.60 -2.15
N GLN A 690 -28.49 14.72 -1.15
CA GLN A 690 -29.71 14.09 -0.68
C GLN A 690 -30.55 15.10 0.12
N ALA A 691 -29.88 16.01 0.80
CA ALA A 691 -30.57 17.05 1.57
C ALA A 691 -31.37 17.96 0.64
N ALA A 692 -30.84 18.19 -0.56
CA ALA A 692 -31.52 18.99 -1.56
C ALA A 692 -32.70 18.23 -2.15
N LYS A 693 -32.57 16.91 -2.22
CA LYS A 693 -33.61 16.07 -2.78
C LYS A 693 -34.80 15.98 -1.83
N LEU A 694 -34.52 16.04 -0.54
CA LEU A 694 -35.58 16.04 0.47
C LEU A 694 -36.23 17.40 0.57
N ALA A 695 -35.46 18.45 0.28
CA ALA A 695 -35.95 19.82 0.36
C ALA A 695 -37.08 20.07 -0.65
N GLU A 696 -37.06 19.32 -1.74
CA GLU A 696 -38.09 19.42 -2.75
C GLU A 696 -39.35 18.67 -2.32
N VAL A 697 -39.16 17.49 -1.74
CA VAL A 697 -40.25 16.67 -1.25
C VAL A 697 -40.93 17.34 -0.06
N LYS A 698 -40.13 17.99 0.78
CA LYS A 698 -40.66 18.70 1.93
C LYS A 698 -41.47 19.90 1.51
N SER A 699 -40.91 20.68 0.58
CA SER A 699 -41.58 21.87 0.09
C SER A 699 -42.93 21.53 -0.54
N SER A 700 -42.93 20.55 -1.44
CA SER A 700 -44.14 20.16 -2.15
C SER A 700 -45.24 19.67 -1.21
N ILE A 701 -44.83 18.89 -0.21
CA ILE A 701 -45.78 18.36 0.77
C ILE A 701 -46.31 19.45 1.69
N GLU A 702 -45.51 20.50 1.87
CA GLU A 702 -45.85 21.58 2.78
C GLU A 702 -46.94 22.49 2.25
N LYS A 703 -47.19 22.40 0.94
CA LYS A 703 -48.11 23.32 0.28
C LYS A 703 -49.17 22.61 -0.57
N ALA A 704 -49.02 21.29 -0.72
CA ALA A 704 -49.99 20.50 -1.46
C ALA A 704 -51.13 20.07 -0.54
N GLN A 705 -50.81 19.67 0.65
CA GLN A 705 -51.84 19.25 1.56
C GLN A 705 -51.43 20.05 2.72
N ARG A 706 -52.37 20.75 3.36
CA ARG A 706 -51.94 21.71 4.34
C ARG A 706 -52.92 22.26 5.34
N ALA A 707 -52.38 23.13 6.17
CA ALA A 707 -53.20 23.95 6.98
C ALA A 707 -53.40 23.03 8.11
N PRO A 708 -53.73 23.54 9.28
CA PRO A 708 -53.92 22.65 10.40
C PRO A 708 -55.17 23.01 11.14
N ASP A 709 -56.33 22.72 10.57
CA ASP A 709 -57.55 23.18 11.21
C ASP A 709 -57.60 22.59 12.56
N LEU A 710 -57.80 23.44 13.53
CA LEU A 710 -57.91 23.07 14.94
C LEU A 710 -59.34 22.76 15.37
N GLU A 711 -60.30 23.33 14.66
CA GLU A 711 -61.70 23.23 15.04
C GLU A 711 -62.25 21.83 14.81
N THR A 712 -61.72 21.14 13.81
CA THR A 712 -62.21 19.80 13.47
C THR A 712 -61.91 18.81 14.59
N ILE A 713 -60.89 19.11 15.37
CA ILE A 713 -60.56 18.29 16.54
C ILE A 713 -61.58 18.52 17.64
N PHE A 714 -61.85 19.80 17.91
CA PHE A 714 -62.79 20.19 18.94
C PHE A 714 -64.16 19.56 18.74
N ASN A 715 -64.61 19.50 17.49
CA ASN A 715 -65.91 18.93 17.19
C ASN A 715 -65.97 17.44 17.47
N LEU A 716 -64.96 16.71 17.01
CA LEU A 716 -64.94 15.27 17.23
C LEU A 716 -64.78 14.95 18.71
N GLN A 717 -64.28 15.93 19.47
CA GLN A 717 -64.21 15.80 20.92
C GLN A 717 -65.56 16.07 21.55
N ASN A 718 -66.29 17.04 20.99
CA ASN A 718 -67.65 17.34 21.42
C ASN A 718 -68.64 16.25 21.00
N GLU A 719 -68.40 15.65 19.84
CA GLU A 719 -69.25 14.57 19.34
C GLU A 719 -69.09 13.32 20.18
N VAL A 720 -67.87 13.05 20.63
CA VAL A 720 -67.60 11.89 21.49
C VAL A 720 -68.39 11.99 22.78
N GLU A 721 -68.38 13.17 23.38
CA GLU A 721 -69.13 13.39 24.61
C GLU A 721 -70.62 13.43 24.29
N ALA A 722 -70.93 13.72 23.03
CA ALA A 722 -72.32 13.84 22.59
C ALA A 722 -72.95 12.47 22.28
N VAL A 723 -72.13 11.52 21.85
CA VAL A 723 -72.64 10.18 21.52
C VAL A 723 -72.89 9.37 22.79
N GLN A 724 -72.70 9.99 23.95
CA GLN A 724 -72.96 9.31 25.21
C GLN A 724 -74.46 9.17 25.45
N TYR A 725 -75.21 10.14 24.95
CA TYR A 725 -76.67 10.10 25.01
C TYR A 725 -77.28 9.82 23.64
N SER A 726 -76.85 8.72 23.00
CA SER A 726 -77.20 8.51 21.60
C SER A 726 -78.07 7.28 21.36
N HIS A 727 -78.28 6.48 22.40
CA HIS A 727 -78.96 5.20 22.26
C HIS A 727 -78.21 4.29 21.29
N LEU A 728 -76.93 4.55 21.09
CA LEU A 728 -76.08 3.66 20.32
C LEU A 728 -75.57 2.55 21.23
N SER A 729 -74.61 1.78 20.74
CA SER A 729 -74.09 0.63 21.47
C SER A 729 -73.51 0.99 22.84
N THR A 730 -73.39 -0.03 23.68
CA THR A 730 -72.74 0.13 24.97
C THR A 730 -71.23 0.24 24.77
N GLY A 731 -70.74 -0.42 23.73
CA GLY A 731 -69.33 -0.43 23.41
C GLY A 731 -68.88 0.80 22.64
N TYR A 732 -69.74 1.27 21.74
CA TYR A 732 -69.43 2.45 20.94
C TYR A 732 -69.29 3.68 21.81
N LYS A 733 -70.12 3.78 22.84
CA LYS A 733 -70.04 4.89 23.78
C LYS A 733 -68.77 4.78 24.60
N ASN A 734 -68.26 3.57 24.75
CA ASN A 734 -67.02 3.32 25.48
C ASN A 734 -65.80 3.45 24.59
N PHE A 735 -65.99 3.17 23.29
CA PHE A 735 -64.90 3.26 22.33
C PHE A 735 -64.50 4.71 22.07
N LEU A 736 -65.48 5.60 22.02
CA LEU A 736 -65.21 7.02 21.80
C LEU A 736 -64.74 7.68 23.08
N LYS A 737 -65.33 7.30 24.21
CA LYS A 737 -64.98 7.91 25.49
C LYS A 737 -63.61 7.45 25.97
N ASN A 738 -63.35 6.15 25.86
CA ASN A 738 -62.13 5.56 26.41
C ASN A 738 -60.99 5.39 25.41
N THR A 739 -61.32 4.98 24.19
CA THR A 739 -60.30 4.71 23.17
C THR A 739 -59.99 5.91 22.29
N VAL A 740 -61.01 6.44 21.63
CA VAL A 740 -60.85 7.56 20.72
C VAL A 740 -60.67 8.88 21.46
N GLY A 741 -61.33 8.99 22.62
CA GLY A 741 -61.26 10.20 23.43
C GLY A 741 -59.86 10.68 23.72
N PRO A 742 -59.03 9.83 24.35
CA PRO A 742 -57.65 10.19 24.73
C PRO A 742 -56.75 10.45 23.52
N VAL A 743 -57.00 9.77 22.41
CA VAL A 743 -56.20 9.98 21.21
C VAL A 743 -56.31 11.42 20.74
N LEU A 744 -57.54 11.92 20.65
CA LEU A 744 -57.81 13.31 20.31
C LEU A 744 -57.29 14.22 21.41
N GLU A 745 -57.23 13.68 22.62
CA GLU A 745 -56.67 14.40 23.75
C GLU A 745 -55.21 14.74 23.47
N ASN A 746 -54.42 13.71 23.21
CA ASN A 746 -52.99 13.88 22.94
C ASN A 746 -52.73 14.57 21.61
N SER A 747 -53.53 14.25 20.60
CA SER A 747 -53.40 14.88 19.29
C SER A 747 -53.55 16.39 19.38
N LEU A 748 -54.33 16.83 20.36
CA LEU A 748 -54.56 18.26 20.57
C LEU A 748 -53.36 18.91 21.23
N SER A 749 -52.79 18.22 22.22
CA SER A 749 -51.63 18.72 22.94
C SER A 749 -50.41 18.81 22.02
N GLY A 750 -50.21 17.76 21.23
CA GLY A 750 -49.07 17.69 20.32
C GLY A 750 -49.09 18.80 19.29
N LEU A 751 -50.15 18.85 18.49
CA LEU A 751 -50.29 19.88 17.46
C LEU A 751 -50.16 21.30 18.03
N MET A 752 -50.82 21.53 19.17
CA MET A 752 -50.90 22.87 19.75
C MET A 752 -49.57 23.30 20.37
N GLU A 753 -48.96 22.38 21.12
CA GLU A 753 -47.73 22.66 21.86
C GLU A 753 -46.49 22.11 21.18
N SER A 754 -45.86 22.92 20.33
CA SER A 754 -44.63 22.52 19.67
C SER A 754 -44.82 21.31 18.79
N ASP A 755 -43.70 20.65 18.49
CA ASP A 755 -43.71 19.25 18.13
C ASP A 755 -43.54 18.51 19.45
N THR A 756 -43.67 17.19 19.41
CA THR A 756 -43.25 16.33 20.50
C THR A 756 -43.29 14.92 19.98
N ASP A 757 -42.73 13.99 20.74
CA ASP A 757 -42.91 12.59 20.44
C ASP A 757 -44.34 12.22 20.78
N THR A 758 -45.06 13.17 21.37
CA THR A 758 -46.49 13.03 21.62
C THR A 758 -47.25 12.87 20.30
N LEU A 759 -46.87 13.65 19.31
CA LEU A 759 -47.49 13.57 17.99
C LEU A 759 -47.14 12.24 17.33
N SER A 760 -45.93 11.77 17.60
CA SER A 760 -45.44 10.52 17.03
C SER A 760 -46.07 9.30 17.71
N LYS A 761 -46.30 9.42 19.01
CA LYS A 761 -46.89 8.34 19.78
C LYS A 761 -48.41 8.31 19.65
N ALA A 762 -49.02 9.49 19.63
CA ALA A 762 -50.46 9.61 19.45
C ALA A 762 -50.88 9.08 18.09
N LEU A 763 -50.07 9.37 17.07
CA LEU A 763 -50.32 8.90 15.71
C LEU A 763 -50.40 7.37 15.68
N ALA A 764 -49.78 6.73 16.67
CA ALA A 764 -49.78 5.27 16.75
C ALA A 764 -51.00 4.76 17.51
N ALA A 765 -51.61 5.62 18.31
CA ALA A 765 -52.76 5.22 19.13
C ALA A 765 -54.05 5.27 18.32
N PHE A 766 -53.96 5.80 17.11
CA PHE A 766 -55.11 5.87 16.21
C PHE A 766 -55.62 4.48 15.86
N PRO A 767 -56.88 4.19 16.20
CA PRO A 767 -57.53 2.91 15.87
C PRO A 767 -57.44 2.59 14.38
N SER A 768 -57.20 1.34 14.06
CA SER A 768 -57.11 0.89 12.68
C SER A 768 -58.50 0.84 12.02
N ASP A 769 -58.53 0.76 10.70
CA ASP A 769 -59.78 0.62 9.97
C ASP A 769 -60.53 -0.63 10.41
N THR A 770 -59.79 -1.64 10.86
CA THR A 770 -60.38 -2.89 11.31
C THR A 770 -61.24 -2.69 12.56
N GLN A 771 -60.74 -1.90 13.50
CA GLN A 771 -61.46 -1.62 14.74
C GLN A 771 -62.71 -0.77 14.47
N TRP A 772 -62.63 0.09 13.45
CA TRP A 772 -63.76 0.93 13.07
C TRP A 772 -64.87 0.12 12.41
N SER A 773 -64.50 -0.83 11.57
CA SER A 773 -65.47 -1.64 10.83
C SER A 773 -66.28 -2.53 11.77
N ALA A 774 -65.68 -2.92 12.89
CA ALA A 774 -66.34 -3.80 13.84
C ALA A 774 -67.45 -3.09 14.61
N PHE A 775 -67.72 -1.84 14.23
CA PHE A 775 -68.85 -1.10 14.80
C PHE A 775 -69.99 -1.01 13.79
N ASN A 776 -70.21 -2.11 13.08
CA ASN A 776 -71.26 -2.20 12.07
C ASN A 776 -71.19 -1.03 11.08
N PHE A 777 -72.34 -0.66 10.53
CA PHE A 777 -72.42 0.54 9.73
C PHE A 777 -73.44 1.47 10.35
N GLU A 778 -73.07 2.75 10.47
CA GLU A 778 -73.92 3.71 11.15
C GLU A 778 -73.34 5.12 11.09
N GLU A 779 -73.49 5.85 12.18
CA GLU A 779 -72.92 7.19 12.28
C GLU A 779 -71.45 7.11 12.65
N ALA A 780 -70.95 5.88 12.77
CA ALA A 780 -69.54 5.66 13.02
C ALA A 780 -68.75 5.99 11.76
N ARG A 781 -69.36 5.77 10.60
CA ARG A 781 -68.76 6.13 9.33
C ARG A 781 -68.48 7.63 9.29
N GLN A 782 -69.43 8.41 9.80
CA GLN A 782 -69.29 9.86 9.85
C GLN A 782 -68.26 10.25 10.89
N ALA A 783 -68.00 9.34 11.82
CA ALA A 783 -66.96 9.54 12.82
C ALA A 783 -65.59 9.27 12.21
N LYS A 784 -65.50 8.23 11.38
CA LYS A 784 -64.21 7.86 10.81
C LYS A 784 -63.65 8.94 9.90
N ARG A 785 -64.46 9.43 8.96
CA ARG A 785 -63.98 10.46 8.03
C ARG A 785 -63.59 11.73 8.78
N GLN A 786 -64.17 11.93 9.95
CA GLN A 786 -63.73 13.00 10.83
C GLN A 786 -62.38 12.64 11.44
N MET A 787 -62.25 11.39 11.86
CA MET A 787 -61.03 10.89 12.47
C MET A 787 -59.88 10.86 11.45
N ASP A 788 -60.18 10.33 10.28
CA ASP A 788 -59.19 10.25 9.20
C ASP A 788 -58.69 11.64 8.83
N ALA A 789 -59.59 12.62 8.86
CA ALA A 789 -59.21 14.00 8.60
C ALA A 789 -58.22 14.49 9.65
N ILE A 790 -58.38 13.99 10.86
CA ILE A 790 -57.51 14.36 11.97
C ILE A 790 -56.17 13.64 11.91
N LYS A 791 -56.17 12.38 11.51
CA LYS A 791 -54.93 11.68 11.34
C LYS A 791 -54.09 12.36 10.34
N GLN A 792 -54.63 12.70 9.19
CA GLN A 792 -53.81 13.31 8.17
C GLN A 792 -53.32 14.68 8.61
N MET A 793 -53.91 15.25 9.64
CA MET A 793 -53.38 16.41 10.31
C MET A 793 -52.19 16.20 11.20
N VAL A 794 -52.23 15.18 12.06
CA VAL A 794 -51.07 14.83 12.89
C VAL A 794 -49.94 14.28 12.02
N GLY A 795 -50.29 13.37 11.12
CA GLY A 795 -49.32 12.76 10.23
C GLY A 795 -48.57 13.78 9.41
N ASN A 796 -49.30 14.69 8.77
CA ASN A 796 -48.67 15.72 7.96
C ASN A 796 -47.65 16.55 8.75
N LYS A 797 -47.88 16.71 10.04
CA LYS A 797 -46.95 17.46 10.88
C LYS A 797 -45.72 16.63 11.21
N VAL A 798 -45.93 15.39 11.62
CA VAL A 798 -44.82 14.52 12.01
C VAL A 798 -43.91 14.24 10.82
N VAL A 799 -44.50 14.07 9.64
CA VAL A 799 -43.71 13.84 8.43
C VAL A 799 -42.92 15.08 8.06
N LEU A 800 -43.46 16.25 8.41
CA LEU A 800 -42.79 17.51 8.11
C LEU A 800 -41.66 17.81 9.10
N ASP A 801 -41.82 17.40 10.34
CA ASP A 801 -40.79 17.63 11.36
C ASP A 801 -39.64 16.64 11.21
N ALA A 802 -39.94 15.48 10.63
CA ALA A 802 -38.94 14.45 10.43
C ALA A 802 -38.01 14.83 9.28
N LEU A 803 -38.57 15.40 8.23
CA LEU A 803 -37.78 15.85 7.09
C LEU A 803 -36.86 16.98 7.48
N THR A 804 -37.32 17.82 8.41
CA THR A 804 -36.51 18.93 8.91
C THR A 804 -35.40 18.43 9.82
N GLN A 805 -35.77 17.65 10.84
CA GLN A 805 -34.80 17.17 11.80
C GLN A 805 -33.76 16.28 11.12
N CYS A 806 -34.17 15.63 10.04
CA CYS A 806 -33.26 14.85 9.21
C CYS A 806 -32.36 15.76 8.39
N GLN A 807 -32.96 16.79 7.79
CA GLN A 807 -32.21 17.75 6.99
C GLN A 807 -31.25 18.52 7.87
N ASP A 808 -31.63 18.71 9.13
CA ASP A 808 -30.76 19.28 10.14
C ASP A 808 -29.55 18.37 10.37
N ALA A 809 -29.80 17.06 10.37
CA ALA A 809 -28.73 16.08 10.47
C ALA A 809 -27.73 16.31 9.36
N LEU A 810 -28.13 15.96 8.14
CA LEU A 810 -27.32 16.08 6.93
C LEU A 810 -26.45 17.34 6.86
N GLU A 811 -26.97 18.45 7.38
CA GLU A 811 -26.22 19.72 7.39
C GLU A 811 -24.97 19.60 8.25
N LYS A 812 -25.10 18.87 9.36
CA LYS A 812 -23.97 18.64 10.25
C LYS A 812 -23.52 17.17 10.17
N GLN A 813 -23.61 16.63 8.95
CA GLN A 813 -23.29 15.23 8.70
C GLN A 813 -24.22 14.31 9.50
N ASN A 814 -23.69 13.65 10.52
CA ASN A 814 -24.47 12.76 11.39
C ASN A 814 -25.45 11.89 10.59
N ILE A 815 -24.92 11.21 9.58
CA ILE A 815 -25.69 10.33 8.70
C ILE A 815 -26.45 9.29 9.51
N ALA A 816 -25.95 9.03 10.71
CA ALA A 816 -26.63 8.15 11.64
C ALA A 816 -27.88 8.82 12.20
N GLY A 817 -27.75 10.12 12.51
CA GLY A 817 -28.85 10.87 13.08
C GLY A 817 -29.93 11.19 12.08
N ALA A 818 -29.53 11.37 10.83
CA ALA A 818 -30.48 11.62 9.75
C ALA A 818 -31.43 10.43 9.61
N LEU A 819 -30.85 9.23 9.56
CA LEU A 819 -31.62 8.01 9.38
C LEU A 819 -32.64 7.79 10.51
N ASP A 820 -32.27 8.22 11.72
CA ASP A 820 -33.18 8.10 12.86
C ASP A 820 -34.50 8.80 12.56
N ALA A 821 -34.40 10.04 12.10
CA ALA A 821 -35.58 10.83 11.76
C ALA A 821 -36.43 10.14 10.73
N LEU A 822 -35.81 9.74 9.62
CA LEU A 822 -36.52 9.10 8.53
C LEU A 822 -37.21 7.80 8.96
N LYS A 823 -36.85 7.33 10.15
CA LYS A 823 -37.51 6.16 10.73
C LYS A 823 -38.79 6.60 11.44
N LYS A 824 -38.88 7.90 11.66
CA LYS A 824 -40.07 8.58 12.15
C LYS A 824 -41.25 8.68 11.21
N ILE A 825 -40.97 8.85 9.94
CA ILE A 825 -42.01 9.07 9.00
C ILE A 825 -42.84 7.85 9.12
N PRO A 826 -44.14 8.05 9.13
CA PRO A 826 -45.12 6.98 9.14
C PRO A 826 -45.21 6.33 7.81
N SER A 827 -45.67 5.09 7.79
CA SER A 827 -45.85 4.40 6.55
C SER A 827 -47.31 4.09 6.32
N GLU A 828 -47.78 4.41 5.14
CA GLU A 828 -49.08 3.94 4.74
C GLU A 828 -50.18 4.38 5.69
N LYS A 829 -50.89 3.38 6.22
CA LYS A 829 -52.24 3.50 6.74
C LYS A 829 -52.28 4.52 7.85
N GLU A 830 -51.18 4.62 8.56
CA GLU A 830 -50.91 5.81 9.35
C GLU A 830 -50.75 7.08 8.48
N MET A 831 -50.11 6.99 7.30
CA MET A 831 -49.91 8.21 6.53
C MET A 831 -50.23 8.36 5.05
N GLY A 832 -51.04 7.50 4.45
CA GLY A 832 -51.12 7.50 3.01
C GLY A 832 -51.98 8.60 2.46
N THR A 833 -51.63 9.83 2.79
CA THR A 833 -52.26 10.96 2.15
C THR A 833 -51.31 11.83 1.38
N ILE A 834 -50.05 11.42 1.27
CA ILE A 834 -49.08 12.12 0.46
C ILE A 834 -48.63 11.28 -0.72
N ARG A 835 -48.69 11.87 -1.90
CA ARG A 835 -48.62 11.11 -3.13
C ARG A 835 -47.32 10.30 -3.25
N ARG A 836 -47.10 9.69 -4.40
CA ARG A 836 -45.94 8.83 -4.59
C ARG A 836 -44.63 9.63 -4.71
N GLU A 837 -44.47 10.62 -3.84
CA GLU A 837 -43.15 11.16 -3.54
C GLU A 837 -42.67 10.42 -2.31
N LEU A 838 -43.51 9.50 -1.84
CA LEU A 838 -43.08 8.48 -0.88
C LEU A 838 -41.91 7.73 -1.48
N ARG A 839 -41.94 7.60 -2.80
CA ARG A 839 -40.86 6.96 -3.55
C ARG A 839 -39.55 7.74 -3.44
N GLU A 840 -39.64 9.07 -3.58
CA GLU A 840 -38.46 9.91 -3.50
C GLU A 840 -37.94 9.98 -2.08
N GLN A 841 -38.77 9.56 -1.13
CA GLN A 841 -38.41 9.59 0.27
C GLN A 841 -37.83 8.24 0.73
N ILE A 842 -38.45 7.15 0.30
CA ILE A 842 -37.92 5.83 0.62
C ILE A 842 -36.60 5.63 -0.12
N GLN A 843 -36.47 6.30 -1.26
CA GLN A 843 -35.25 6.24 -2.02
C GLN A 843 -34.08 6.83 -1.23
N SER A 844 -34.39 7.80 -0.38
CA SER A 844 -33.35 8.47 0.40
C SER A 844 -32.92 7.65 1.62
N ALA A 845 -33.90 7.09 2.34
CA ALA A 845 -33.59 6.22 3.47
C ALA A 845 -32.78 5.03 2.98
N ARG A 846 -33.01 4.64 1.72
CA ARG A 846 -32.26 3.54 1.11
C ARG A 846 -30.84 3.96 0.76
N GLN A 847 -30.64 5.26 0.51
CA GLN A 847 -29.31 5.77 0.23
C GLN A 847 -28.46 5.76 1.50
N GLU A 848 -29.09 6.01 2.64
CA GLU A 848 -28.37 6.05 3.91
C GLU A 848 -28.27 4.68 4.56
N LEU A 849 -29.20 3.79 4.22
CA LEU A 849 -29.12 2.42 4.69
C LEU A 849 -27.82 1.81 4.18
N GLU A 850 -27.39 2.26 3.00
CA GLU A 850 -26.19 1.73 2.34
C GLU A 850 -24.92 2.47 2.79
N SER A 851 -25.06 3.74 3.14
CA SER A 851 -23.93 4.53 3.62
C SER A 851 -23.50 4.06 5.01
N LEU A 852 -24.44 3.49 5.74
CA LEU A 852 -24.16 2.96 7.07
C LEU A 852 -23.52 1.57 7.00
N GLN A 853 -23.62 0.94 5.84
CA GLN A 853 -22.97 -0.36 5.62
C GLN A 853 -21.47 -0.20 5.37
N ARG A 854 -20.91 0.94 5.80
CA ARG A 854 -19.48 1.19 5.69
C ARG A 854 -18.66 0.19 6.52
N ALA A 855 -17.43 -0.04 6.09
CA ALA A 855 -16.46 -0.77 6.90
C ALA A 855 -15.26 0.12 7.14
N VAL A 856 -14.90 0.29 8.41
CA VAL A 856 -13.68 1.01 8.75
C VAL A 856 -12.57 -0.01 8.91
N VAL A 857 -11.75 -0.16 7.87
CA VAL A 857 -10.63 -1.09 7.92
C VAL A 857 -9.53 -0.53 8.80
N THR A 858 -8.88 -1.42 9.53
CA THR A 858 -7.94 -1.04 10.56
C THR A 858 -6.50 -0.96 10.04
N PRO A 859 -5.70 -0.01 10.51
CA PRO A 859 -4.27 -0.03 10.20
C PRO A 859 -3.35 -0.55 11.26
N VAL A 860 -3.60 -0.43 12.54
CA VAL A 860 -2.82 -1.15 13.50
C VAL A 860 -3.50 -2.48 13.74
N VAL A 861 -3.47 -3.30 12.71
CA VAL A 861 -4.16 -4.56 12.68
C VAL A 861 -3.18 -5.38 13.38
N THR A 862 -3.29 -5.31 14.69
CA THR A 862 -2.59 -6.19 15.58
C THR A 862 -1.22 -5.64 15.63
N ASP A 863 -0.38 -6.27 16.41
CA ASP A 863 0.99 -5.93 16.42
C ASP A 863 1.11 -4.52 16.80
N GLU A 864 0.30 -4.16 17.73
CA GLU A 864 0.45 -2.96 18.44
C GLU A 864 1.84 -3.02 19.02
N LYS A 865 2.28 -4.18 19.46
CA LYS A 865 3.67 -4.39 19.83
C LYS A 865 4.63 -4.16 18.70
N LYS A 866 4.39 -4.66 17.50
CA LYS A 866 5.29 -4.40 16.38
C LYS A 866 5.27 -2.98 15.96
N VAL A 867 4.09 -2.43 15.82
CA VAL A 867 4.03 -1.04 15.40
C VAL A 867 4.67 -0.14 16.43
N ARG A 868 4.40 -0.40 17.70
CA ARG A 868 4.95 0.42 18.78
C ARG A 868 6.45 0.23 18.92
N GLU A 869 6.87 -1.02 19.14
CA GLU A 869 8.29 -1.32 19.29
C GLU A 869 9.10 -0.79 18.13
N ARG A 870 8.64 -1.07 16.91
CA ARG A 870 9.31 -0.61 15.71
C ARG A 870 9.52 0.90 15.73
N TYR A 871 8.55 1.64 16.23
CA TYR A 871 8.66 3.09 16.27
C TYR A 871 9.79 3.53 17.21
N ASP A 872 9.89 2.88 18.36
CA ASP A 872 10.90 3.26 19.35
C ASP A 872 12.30 3.06 18.80
N ALA A 873 12.49 2.03 18.01
CA ALA A 873 13.78 1.76 17.38
C ALA A 873 14.12 2.87 16.40
N LEU A 874 13.15 3.27 15.59
CA LEU A 874 13.38 4.28 14.56
C LEU A 874 13.75 5.63 15.16
N ILE A 875 12.98 6.05 16.15
CA ILE A 875 13.18 7.35 16.78
C ILE A 875 14.51 7.35 17.52
N GLU A 876 14.83 6.23 18.15
CA GLU A 876 16.09 6.05 18.84
C GLU A 876 17.26 6.10 17.86
N ASN A 877 17.06 5.44 16.72
CA ASN A 877 18.04 5.44 15.65
C ASN A 877 18.22 6.83 15.06
N THR A 878 17.12 7.40 14.60
CA THR A 878 17.17 8.70 13.97
C THR A 878 17.69 9.78 14.93
N SER A 879 17.34 9.67 16.22
CA SER A 879 17.83 10.63 17.19
C SER A 879 19.32 10.42 17.46
N LYS A 880 19.77 9.17 17.37
CA LYS A 880 21.18 8.86 17.56
C LYS A 880 21.99 9.21 16.32
N LYS A 881 21.31 9.39 15.20
CA LYS A 881 21.97 9.82 13.98
C LYS A 881 22.10 11.34 13.98
N ILE A 882 21.13 12.02 14.56
CA ILE A 882 21.12 13.47 14.58
C ILE A 882 22.10 14.00 15.64
N THR A 883 22.14 13.33 16.78
CA THR A 883 23.07 13.73 17.83
C THR A 883 24.51 13.38 17.46
N GLU A 884 24.68 12.38 16.60
CA GLU A 884 26.01 12.00 16.13
C GLU A 884 26.50 13.03 15.11
N LEU A 885 25.56 13.62 14.38
CA LEU A 885 25.87 14.71 13.46
C LEU A 885 25.88 16.04 14.20
N GLU A 886 25.24 16.06 15.37
CA GLU A 886 25.18 17.26 16.21
C GLU A 886 26.57 17.75 16.59
N THR A 887 27.40 16.82 17.06
CA THR A 887 28.79 17.12 17.39
C THR A 887 29.72 16.50 16.35
N GLY A 888 29.67 17.06 15.14
CA GLY A 888 30.48 16.55 14.05
C GLY A 888 31.65 17.49 13.77
N LYS A 889 32.84 16.92 13.71
CA LYS A 889 34.02 17.71 13.37
C LYS A 889 33.95 18.07 11.90
N LEU A 890 34.02 19.36 11.59
CA LEU A 890 33.98 19.82 10.22
C LEU A 890 35.30 20.47 9.83
N PRO A 891 36.35 19.65 9.66
CA PRO A 891 37.68 20.14 9.33
C PRO A 891 37.73 20.88 8.01
N ASN A 892 37.40 20.17 6.93
CA ASN A 892 37.48 20.72 5.58
C ASN A 892 36.11 20.89 4.93
N LEU A 893 36.12 21.08 3.61
CA LEU A 893 34.89 21.27 2.87
C LEU A 893 34.21 19.93 2.62
N ASP A 894 34.99 18.86 2.60
CA ASP A 894 34.46 17.53 2.36
C ASP A 894 33.55 17.06 3.49
N ALA A 895 34.00 17.27 4.72
CA ALA A 895 33.21 16.90 5.89
C ALA A 895 31.88 17.63 5.90
N VAL A 896 31.90 18.89 5.48
CA VAL A 896 30.70 19.71 5.43
C VAL A 896 29.73 19.24 4.34
N LYS A 897 30.27 18.89 3.18
CA LYS A 897 29.46 18.35 2.09
C LYS A 897 28.77 17.07 2.50
N LYS A 898 29.47 16.24 3.28
CA LYS A 898 28.92 15.00 3.77
C LYS A 898 27.81 15.26 4.79
N GLY A 899 27.95 16.34 5.55
CA GLY A 899 26.98 16.70 6.57
C GLY A 899 25.67 17.18 5.99
N ILE A 900 25.75 17.95 4.91
CA ILE A 900 24.57 18.52 4.27
C ILE A 900 23.67 17.45 3.68
N SER A 901 24.29 16.45 3.05
CA SER A 901 23.54 15.35 2.49
C SER A 901 22.99 14.46 3.61
N ASN A 902 23.73 14.38 4.71
CA ASN A 902 23.23 13.70 5.90
C ASN A 902 21.94 14.35 6.39
N LEU A 903 22.04 15.61 6.78
CA LEU A 903 20.87 16.40 7.15
C LEU A 903 19.74 16.29 6.11
N SER A 904 20.11 16.18 4.84
CA SER A 904 19.13 16.03 3.77
C SER A 904 18.36 14.73 3.94
N ASN A 905 19.06 13.69 4.37
CA ASN A 905 18.44 12.37 4.60
C ASN A 905 17.68 12.30 5.91
N LEU A 906 18.26 12.87 6.96
CA LEU A 906 17.60 12.93 8.25
C LEU A 906 16.28 13.68 8.17
N LYS A 907 16.25 14.76 7.38
CA LYS A 907 15.02 15.50 7.15
C LYS A 907 13.93 14.56 6.65
N GLN A 908 14.31 13.66 5.74
CA GLN A 908 13.35 12.71 5.21
C GLN A 908 12.93 11.70 6.28
N GLU A 909 13.90 11.24 7.08
CA GLU A 909 13.61 10.24 8.09
C GLU A 909 12.56 10.72 9.09
N VAL A 910 12.73 11.93 9.61
CA VAL A 910 11.86 12.43 10.67
C VAL A 910 10.39 12.48 10.26
N THR A 911 10.12 12.73 8.99
CA THR A 911 8.74 12.78 8.51
C THR A 911 8.12 11.39 8.52
N VAL A 912 8.94 10.39 8.22
CA VAL A 912 8.53 9.00 8.39
C VAL A 912 8.14 8.80 9.85
N LEU A 913 9.02 9.28 10.73
CA LEU A 913 8.76 9.26 12.16
C LEU A 913 7.42 9.92 12.46
N ARG A 914 7.12 10.98 11.71
CA ARG A 914 5.89 11.72 11.90
C ARG A 914 4.67 10.89 11.51
N ASN A 915 4.63 10.41 10.27
CA ASN A 915 3.49 9.65 9.80
C ASN A 915 3.23 8.39 10.62
N GLU A 916 4.29 7.81 11.19
CA GLU A 916 4.11 6.61 11.98
C GLU A 916 3.50 6.96 13.33
N LYS A 917 3.69 8.21 13.74
CA LYS A 917 3.00 8.74 14.91
C LYS A 917 1.52 8.88 14.57
N ILE A 918 1.25 9.55 13.46
CA ILE A 918 -0.12 9.77 12.98
C ILE A 918 -0.86 8.45 12.78
N ARG A 919 -0.21 7.50 12.11
CA ARG A 919 -0.87 6.27 11.70
C ARG A 919 -1.07 5.27 12.83
N MET A 920 -0.38 5.47 13.95
CA MET A 920 -0.51 4.56 15.08
C MET A 920 -1.27 5.22 16.22
N HIS A 921 -1.84 6.39 15.96
CA HIS A 921 -2.56 7.15 16.97
C HIS A 921 -4.06 6.89 16.87
N VAL A 922 -4.71 6.79 18.02
CA VAL A 922 -6.14 6.50 18.07
C VAL A 922 -6.88 7.40 19.05
N GLY A 923 -8.09 7.79 18.67
CA GLY A 923 -8.92 8.66 19.49
C GLY A 923 -9.22 9.98 18.80
N THR A 924 -9.87 10.88 19.52
CA THR A 924 -10.16 12.21 19.01
C THR A 924 -9.54 13.27 19.92
N ASP A 925 -8.29 13.61 19.64
CA ASP A 925 -7.57 14.60 20.42
C ASP A 925 -6.27 14.94 19.71
N LYS A 926 -5.49 15.85 20.29
CA LYS A 926 -4.26 16.30 19.66
C LYS A 926 -3.22 15.17 19.57
N VAL A 927 -2.76 14.91 18.37
CA VAL A 927 -1.73 13.91 18.13
C VAL A 927 -0.41 14.37 18.75
N ASP A 928 0.13 13.57 19.67
CA ASP A 928 1.34 13.96 20.39
C ASP A 928 2.58 13.89 19.49
N PHE A 929 3.24 15.04 19.30
CA PHE A 929 4.43 15.10 18.46
C PHE A 929 5.66 15.55 19.25
N SER A 930 5.52 15.60 20.58
CA SER A 930 6.56 16.12 21.46
C SER A 930 7.97 15.59 21.19
N ASP A 931 8.08 14.39 20.65
CA ASP A 931 9.41 13.80 20.44
C ASP A 931 10.01 14.18 19.09
N VAL A 932 9.21 14.17 18.03
CA VAL A 932 9.73 14.57 16.72
C VAL A 932 9.82 16.10 16.64
N GLU A 933 9.36 16.77 17.69
CA GLU A 933 9.53 18.22 17.79
C GLU A 933 10.97 18.51 18.20
N LYS A 934 11.43 17.83 19.25
CA LYS A 934 12.78 18.02 19.76
C LYS A 934 13.81 17.65 18.71
N LEU A 935 13.41 16.74 17.81
CA LEU A 935 14.28 16.32 16.72
C LEU A 935 14.33 17.37 15.61
N GLU A 936 13.16 17.83 15.18
CA GLU A 936 13.06 18.81 14.11
C GLU A 936 13.81 20.09 14.48
N GLN A 937 13.79 20.44 15.76
CA GLN A 937 14.51 21.62 16.23
C GLN A 937 16.01 21.40 16.13
N GLN A 938 16.47 20.19 16.45
CA GLN A 938 17.88 19.85 16.29
C GLN A 938 18.27 19.99 14.83
N ILE A 939 17.37 19.59 13.94
CA ILE A 939 17.61 19.66 12.50
C ILE A 939 17.84 21.11 12.05
N GLN A 940 16.93 22.00 12.42
CA GLN A 940 17.07 23.41 12.05
C GLN A 940 18.36 24.00 12.60
N VAL A 941 18.82 23.48 13.74
CA VAL A 941 20.08 23.92 14.32
C VAL A 941 21.26 23.50 13.45
N ILE A 942 21.34 22.21 13.13
CA ILE A 942 22.43 21.71 12.32
C ILE A 942 22.18 21.91 10.84
N ASP A 943 21.21 22.77 10.51
CA ASP A 943 20.99 23.16 9.11
C ASP A 943 21.74 24.45 8.87
N THR A 944 21.65 25.37 9.82
CA THR A 944 22.35 26.65 9.71
C THR A 944 23.83 26.50 10.08
N LYS A 945 24.12 25.60 11.01
CA LYS A 945 25.51 25.32 11.40
C LYS A 945 26.35 24.91 10.19
N LEU A 946 25.80 24.00 9.38
CA LEU A 946 26.46 23.55 8.17
C LEU A 946 26.47 24.65 7.11
N ALA A 947 25.32 25.27 6.90
CA ALA A 947 25.19 26.31 5.88
C ALA A 947 26.17 27.46 6.14
N ASP A 948 26.39 27.77 7.42
CA ASP A 948 27.38 28.77 7.78
C ASP A 948 28.79 28.23 7.54
N ALA A 949 29.09 27.10 8.16
CA ALA A 949 30.40 26.49 8.02
C ALA A 949 30.73 26.13 6.58
N TYR A 950 29.71 26.10 5.73
CA TYR A 950 29.90 25.80 4.30
C TYR A 950 30.52 27.00 3.59
N LEU A 951 29.93 28.17 3.78
CA LEU A 951 30.46 29.38 3.16
C LEU A 951 31.86 29.71 3.65
N LEU A 952 32.14 29.37 4.91
CA LEU A 952 33.47 29.56 5.46
C LEU A 952 34.49 28.77 4.64
N GLU A 953 34.12 27.54 4.26
CA GLU A 953 35.04 26.64 3.58
C GLU A 953 35.15 26.95 2.08
N VAL A 954 34.04 27.35 1.48
CA VAL A 954 34.04 27.68 0.05
C VAL A 954 34.83 28.95 -0.19
N THR A 955 34.90 29.79 0.85
CA THR A 955 35.66 31.03 0.79
C THR A 955 37.13 30.73 1.04
N LYS A 956 37.41 29.88 2.02
CA LYS A 956 38.78 29.49 2.32
C LYS A 956 39.38 28.73 1.14
N GLN A 957 38.53 28.30 0.21
CA GLN A 957 38.99 27.54 -0.94
C GLN A 957 39.38 28.45 -2.11
N ILE A 958 38.57 29.49 -2.34
CA ILE A 958 38.89 30.46 -3.38
C ILE A 958 40.09 31.30 -2.93
N SER A 959 40.17 31.57 -1.64
CA SER A 959 41.34 32.22 -1.05
C SER A 959 42.59 31.43 -1.36
N ALA A 960 42.54 30.13 -1.11
CA ALA A 960 43.66 29.24 -1.35
C ALA A 960 44.05 29.21 -2.82
N LEU A 961 43.05 29.33 -3.70
CA LEU A 961 43.29 29.26 -5.14
C LEU A 961 43.82 30.56 -5.72
N GLU A 962 44.25 31.46 -4.85
CA GLU A 962 44.83 32.74 -5.27
C GLU A 962 46.07 33.08 -4.45
N MET B 3 51.60 50.01 3.43
CA MET B 3 50.94 48.94 2.69
C MET B 3 49.53 49.34 2.26
N GLN B 4 49.06 48.76 1.16
CA GLN B 4 47.70 48.96 0.70
C GLN B 4 47.06 47.58 0.61
N ILE B 5 45.86 47.40 1.17
CA ILE B 5 45.24 46.09 1.11
C ILE B 5 43.82 46.14 0.57
N PHE B 6 43.32 44.98 0.18
CA PHE B 6 41.98 44.88 -0.35
C PHE B 6 41.27 43.77 0.41
N VAL B 7 40.05 43.99 0.87
CA VAL B 7 39.30 42.90 1.47
C VAL B 7 38.01 42.70 0.69
N LYS B 8 37.78 41.46 0.27
CA LYS B 8 36.63 41.15 -0.58
C LYS B 8 35.69 40.12 0.04
N THR B 9 34.49 40.05 -0.51
CA THR B 9 33.51 39.06 -0.10
C THR B 9 32.99 38.37 -1.34
N LEU B 10 32.48 37.16 -1.18
CA LEU B 10 31.96 36.38 -2.28
C LEU B 10 30.78 37.07 -2.92
N THR B 11 30.11 37.92 -2.14
CA THR B 11 28.90 38.61 -2.55
C THR B 11 29.03 39.32 -3.88
N GLY B 12 30.22 39.87 -4.15
CA GLY B 12 30.48 40.47 -5.44
C GLY B 12 30.92 41.92 -5.39
N LYS B 13 31.15 42.43 -4.18
CA LYS B 13 31.62 43.80 -4.04
C LYS B 13 33.09 43.80 -3.62
N THR B 14 33.90 44.60 -4.30
CA THR B 14 35.29 44.78 -3.90
C THR B 14 35.44 46.02 -3.04
N ILE B 15 36.12 45.88 -1.90
CA ILE B 15 36.37 47.03 -1.04
C ILE B 15 37.86 47.28 -0.81
N THR B 16 38.23 48.56 -0.77
CA THR B 16 39.61 48.97 -0.58
C THR B 16 39.82 49.53 0.82
N LEU B 17 40.81 49.01 1.54
CA LEU B 17 41.07 49.44 2.91
C LEU B 17 42.52 49.89 3.06
N GLU B 18 42.75 50.91 3.87
CA GLU B 18 44.11 51.43 4.03
C GLU B 18 44.77 51.20 5.39
N VAL B 19 45.78 50.33 5.41
CA VAL B 19 46.61 50.16 6.61
C VAL B 19 47.99 49.72 6.15
N GLU B 20 49.02 50.00 6.95
CA GLU B 20 50.37 49.59 6.56
C GLU B 20 50.86 48.33 7.30
N PRO B 21 51.52 48.47 8.48
CA PRO B 21 51.97 47.20 9.04
C PRO B 21 51.50 46.88 10.45
N SER B 22 52.16 45.88 11.06
CA SER B 22 52.04 45.50 12.48
C SER B 22 50.75 44.81 12.95
N ASP B 23 49.63 45.05 12.29
CA ASP B 23 48.30 44.61 12.77
C ASP B 23 48.17 43.18 13.28
N THR B 24 47.25 43.02 14.22
CA THR B 24 46.89 41.74 14.81
C THR B 24 45.38 41.62 14.62
N ILE B 25 44.83 40.42 14.81
CA ILE B 25 43.39 40.22 14.59
C ILE B 25 42.50 41.06 15.52
N GLU B 26 42.92 41.23 16.77
CA GLU B 26 42.14 42.02 17.72
C GLU B 26 41.90 43.46 17.26
N ASN B 27 42.94 44.11 16.74
CA ASN B 27 42.81 45.46 16.17
C ASN B 27 42.12 45.45 14.81
N VAL B 28 42.44 44.45 14.00
CA VAL B 28 41.85 44.30 12.68
C VAL B 28 40.34 44.09 12.76
N LYS B 29 39.88 43.40 13.80
CA LYS B 29 38.45 43.22 14.01
C LYS B 29 37.76 44.58 14.15
N ALA B 30 38.38 45.47 14.93
CA ALA B 30 37.88 46.82 15.11
C ALA B 30 38.04 47.69 13.85
N LYS B 31 39.13 47.48 13.12
CA LYS B 31 39.43 48.27 11.92
C LYS B 31 38.43 48.12 10.77
N ILE B 32 37.91 46.90 10.57
CA ILE B 32 36.87 46.68 9.58
C ILE B 32 35.58 47.38 9.99
N GLN B 33 35.35 47.44 11.30
CA GLN B 33 34.18 48.07 11.89
C GLN B 33 34.00 49.52 11.46
N ASP B 34 35.11 50.25 11.46
CA ASP B 34 35.13 51.68 11.15
C ASP B 34 34.74 52.05 9.72
N LYS B 35 35.12 51.23 8.75
CA LYS B 35 34.97 51.59 7.34
C LYS B 35 33.53 51.70 6.83
N GLU B 36 32.70 50.67 7.07
CA GLU B 36 31.37 50.64 6.45
C GLU B 36 30.23 50.54 7.47
N GLY B 37 30.54 50.81 8.74
CA GLY B 37 29.54 50.77 9.79
C GLY B 37 28.91 49.40 9.89
N ILE B 38 29.74 48.38 9.72
CA ILE B 38 29.31 46.99 9.83
C ILE B 38 29.95 46.35 11.06
N PRO B 39 29.13 45.62 11.85
CA PRO B 39 29.59 45.03 13.12
C PRO B 39 30.53 43.83 12.95
N PRO B 40 31.63 43.84 13.71
CA PRO B 40 32.66 42.79 13.74
C PRO B 40 32.50 41.81 14.89
N ASP B 41 31.28 41.37 15.20
CA ASP B 41 31.08 40.48 16.33
C ASP B 41 31.74 39.13 16.11
N GLN B 42 31.79 38.69 14.85
CA GLN B 42 32.34 37.39 14.53
C GLN B 42 32.82 37.39 13.09
N GLN B 43 34.06 37.82 12.90
CA GLN B 43 34.61 37.90 11.55
C GLN B 43 35.69 36.85 11.45
N ARG B 44 35.73 36.19 10.30
CA ARG B 44 36.71 35.16 10.06
C ARG B 44 37.61 35.66 8.96
N LEU B 45 38.91 35.63 9.21
CA LEU B 45 39.88 36.19 8.29
C LEU B 45 40.30 35.20 7.22
N ILE B 46 40.24 35.64 5.97
CA ILE B 46 40.63 34.78 4.85
C ILE B 46 41.72 35.43 4.04
N PHE B 47 42.80 34.67 3.90
CA PHE B 47 43.94 35.01 3.08
C PHE B 47 44.83 33.78 2.99
N ALA B 48 45.24 33.45 1.78
CA ALA B 48 46.02 32.26 1.51
C ALA B 48 45.26 31.03 2.00
N GLY B 49 43.94 31.07 1.88
CA GLY B 49 43.09 29.92 2.22
C GLY B 49 43.05 29.60 3.70
N LYS B 50 43.62 30.47 4.52
CA LYS B 50 43.71 30.19 5.94
C LYS B 50 43.01 31.27 6.75
N GLN B 51 42.41 30.85 7.87
CA GLN B 51 41.67 31.74 8.74
C GLN B 51 42.60 32.30 9.82
N LEU B 52 42.61 33.63 9.97
CA LEU B 52 43.52 34.28 10.91
C LEU B 52 42.96 34.34 12.34
N GLU B 53 43.78 33.86 13.28
CA GLU B 53 43.45 33.80 14.70
C GLU B 53 44.06 34.99 15.44
N ASP B 54 43.39 35.46 16.47
CA ASP B 54 43.86 36.62 17.24
C ASP B 54 45.14 36.29 18.02
N GLY B 55 46.05 37.26 18.11
CA GLY B 55 47.30 37.08 18.81
C GLY B 55 48.52 37.09 17.91
N ARG B 56 48.35 36.65 16.67
CA ARG B 56 49.45 36.68 15.71
C ARG B 56 49.38 37.97 14.89
N THR B 57 50.54 38.57 14.65
CA THR B 57 50.60 39.84 13.93
C THR B 57 50.42 39.66 12.42
N LEU B 58 50.09 40.77 11.74
CA LEU B 58 49.98 40.78 10.29
C LEU B 58 51.35 40.56 9.68
N SER B 59 52.38 41.00 10.39
CA SER B 59 53.75 40.75 9.96
C SER B 59 53.93 39.24 9.86
N ASP B 60 53.28 38.53 10.78
CA ASP B 60 53.21 37.08 10.69
C ASP B 60 52.33 36.74 9.49
N TYR B 61 52.66 35.66 8.80
CA TYR B 61 51.94 35.19 7.62
C TYR B 61 52.41 35.94 6.39
N ASN B 62 53.25 36.94 6.60
CA ASN B 62 53.84 37.72 5.49
C ASN B 62 52.81 38.35 4.57
N ILE B 63 51.85 39.09 5.12
CA ILE B 63 50.87 39.80 4.30
C ILE B 63 51.52 41.04 3.70
N GLN B 64 51.25 41.30 2.42
CA GLN B 64 51.92 42.39 1.72
C GLN B 64 50.97 43.36 1.03
N LYS B 65 51.55 44.44 0.52
CA LYS B 65 50.79 45.54 -0.10
C LYS B 65 50.02 45.11 -1.36
N GLU B 66 48.84 45.70 -1.54
CA GLU B 66 48.02 45.50 -2.73
C GLU B 66 47.41 44.12 -2.85
N SER B 67 47.54 43.33 -1.79
CA SER B 67 46.97 41.99 -1.76
C SER B 67 45.45 42.07 -1.55
N THR B 68 44.78 40.97 -1.89
CA THR B 68 43.33 40.92 -1.74
C THR B 68 42.92 39.89 -0.70
N LEU B 69 41.95 40.24 0.14
CA LEU B 69 41.47 39.33 1.16
C LEU B 69 40.00 39.01 0.95
N HIS B 70 39.57 37.88 1.48
CA HIS B 70 38.17 37.50 1.34
C HIS B 70 37.53 37.30 2.71
N LEU B 71 37.06 38.38 3.33
CA LEU B 71 36.51 38.27 4.67
C LEU B 71 35.02 37.99 4.68
N VAL B 72 34.64 36.92 5.36
CA VAL B 72 33.23 36.57 5.53
C VAL B 72 32.91 36.27 7.00
N LEU B 73 31.70 36.62 7.44
CA LEU B 73 31.32 36.42 8.83
C LEU B 73 30.64 35.07 9.03
N MET C 3 11.64 -2.85 -52.49
CA MET C 3 12.25 -2.78 -51.17
C MET C 3 11.90 -4.02 -50.35
N GLN C 4 12.78 -4.38 -49.43
CA GLN C 4 12.56 -5.56 -48.58
C GLN C 4 12.53 -5.21 -47.09
N ILE C 5 11.50 -5.71 -46.40
CA ILE C 5 11.36 -5.48 -44.97
C ILE C 5 11.06 -6.79 -44.23
N PHE C 6 11.23 -6.77 -42.92
CA PHE C 6 10.92 -7.94 -42.07
C PHE C 6 9.98 -7.65 -40.93
N VAL C 7 9.02 -8.55 -40.76
CA VAL C 7 8.08 -8.53 -39.66
C VAL C 7 8.25 -9.81 -38.85
N LYS C 8 8.32 -9.68 -37.54
CA LYS C 8 8.57 -10.83 -36.69
C LYS C 8 7.38 -11.08 -35.79
N THR C 9 7.30 -12.28 -35.21
CA THR C 9 6.19 -12.64 -34.34
C THR C 9 6.67 -13.17 -33.00
N LEU C 10 5.79 -13.08 -32.00
CA LEU C 10 6.10 -13.56 -30.66
C LEU C 10 6.31 -15.06 -30.71
N THR C 11 5.69 -15.70 -31.70
CA THR C 11 5.78 -17.14 -31.89
C THR C 11 7.24 -17.60 -32.01
N GLY C 12 8.04 -16.80 -32.72
CA GLY C 12 9.47 -17.05 -32.87
C GLY C 12 9.94 -17.21 -34.31
N LYS C 13 9.02 -17.01 -35.24
CA LYS C 13 9.35 -17.14 -36.67
C LYS C 13 9.39 -15.77 -37.35
N THR C 14 10.41 -15.58 -38.18
CA THR C 14 10.55 -14.37 -38.99
C THR C 14 9.94 -14.55 -40.38
N ILE C 15 9.26 -13.52 -40.86
CA ILE C 15 8.65 -13.54 -42.18
C ILE C 15 9.33 -12.51 -43.09
N THR C 16 9.49 -12.86 -44.36
CA THR C 16 10.14 -11.99 -45.33
C THR C 16 9.11 -11.35 -46.24
N LEU C 17 9.16 -10.03 -46.35
CA LEU C 17 8.18 -9.29 -47.14
C LEU C 17 8.81 -8.42 -48.23
N GLU C 18 8.13 -8.34 -49.36
CA GLU C 18 8.53 -7.47 -50.46
C GLU C 18 7.52 -6.35 -50.52
N VAL C 19 7.97 -5.13 -50.25
CA VAL C 19 7.08 -3.97 -50.22
C VAL C 19 7.75 -2.69 -50.69
N GLU C 20 6.94 -1.71 -51.03
CA GLU C 20 7.46 -0.42 -51.46
C GLU C 20 7.46 0.55 -50.29
N PRO C 21 8.34 1.51 -50.30
CA PRO C 21 8.34 2.58 -49.31
C PRO C 21 7.12 3.42 -49.49
N SER C 22 6.61 3.40 -50.70
CA SER C 22 5.30 3.93 -50.94
C SER C 22 4.45 2.86 -50.31
N ASP C 23 3.16 3.17 -50.18
CA ASP C 23 2.13 2.29 -49.67
C ASP C 23 1.82 2.66 -48.28
N THR C 24 0.63 2.25 -47.90
CA THR C 24 0.06 2.50 -46.61
C THR C 24 0.44 1.34 -45.76
N ILE C 25 -0.03 1.35 -44.52
CA ILE C 25 0.26 0.25 -43.60
C ILE C 25 -0.77 -0.87 -43.74
N GLU C 26 -2.02 -0.49 -43.96
CA GLU C 26 -3.08 -1.47 -44.16
C GLU C 26 -2.71 -2.38 -45.33
N ASN C 27 -2.07 -1.81 -46.34
CA ASN C 27 -1.59 -2.58 -47.47
C ASN C 27 -0.44 -3.51 -47.06
N VAL C 28 0.46 -3.01 -46.21
CA VAL C 28 1.56 -3.82 -45.68
C VAL C 28 1.00 -4.88 -44.73
N LYS C 29 -0.02 -4.49 -43.97
CA LYS C 29 -0.74 -5.42 -43.09
C LYS C 29 -1.40 -6.52 -43.89
N ALA C 30 -1.97 -6.13 -45.04
CA ALA C 30 -2.60 -7.07 -45.95
C ALA C 30 -1.58 -8.05 -46.52
N LYS C 31 -0.36 -7.56 -46.75
CA LYS C 31 0.70 -8.41 -47.29
C LYS C 31 1.06 -9.51 -46.29
N ILE C 32 1.03 -9.18 -45.00
CA ILE C 32 1.22 -10.17 -43.95
C ILE C 32 0.02 -11.13 -43.90
N GLN C 33 -1.18 -10.60 -44.13
CA GLN C 33 -2.39 -11.41 -44.11
C GLN C 33 -2.32 -12.53 -45.15
N ASP C 34 -1.88 -12.18 -46.36
CA ASP C 34 -1.78 -13.12 -47.46
C ASP C 34 -0.73 -14.19 -47.21
N LYS C 35 0.38 -13.79 -46.60
CA LYS C 35 1.51 -14.68 -46.38
C LYS C 35 1.17 -15.78 -45.37
N GLU C 36 0.57 -15.40 -44.25
CA GLU C 36 0.31 -16.33 -43.16
C GLU C 36 -1.17 -16.44 -42.78
N GLY C 37 -2.05 -15.94 -43.63
CA GLY C 37 -3.49 -16.05 -43.41
C GLY C 37 -4.02 -15.42 -42.13
N ILE C 38 -3.50 -14.26 -41.77
CA ILE C 38 -3.97 -13.55 -40.57
C ILE C 38 -4.70 -12.28 -40.94
N PRO C 39 -5.87 -12.05 -40.33
CA PRO C 39 -6.69 -10.87 -40.67
C PRO C 39 -6.05 -9.59 -40.14
N PRO C 40 -6.03 -8.53 -40.98
CA PRO C 40 -5.42 -7.25 -40.61
C PRO C 40 -6.03 -6.61 -39.36
N ASP C 41 -7.29 -6.94 -39.08
CA ASP C 41 -7.98 -6.38 -37.91
C ASP C 41 -7.39 -6.87 -36.60
N GLN C 42 -6.83 -8.07 -36.61
CA GLN C 42 -6.34 -8.70 -35.39
C GLN C 42 -4.86 -8.45 -35.10
N GLN C 43 -4.18 -7.80 -36.04
CA GLN C 43 -2.74 -7.59 -35.90
C GLN C 43 -2.32 -6.12 -35.78
N ARG C 44 -1.38 -5.86 -34.89
CA ARG C 44 -0.76 -4.55 -34.73
C ARG C 44 0.75 -4.62 -35.01
N LEU C 45 1.22 -3.79 -35.92
CA LEU C 45 2.62 -3.73 -36.30
C LEU C 45 3.34 -2.70 -35.44
N ILE C 46 4.48 -3.10 -34.91
CA ILE C 46 5.28 -2.28 -34.03
C ILE C 46 6.67 -2.16 -34.60
N PHE C 47 7.28 -1.00 -34.46
CA PHE C 47 8.64 -0.80 -34.94
C PHE C 47 9.44 0.04 -33.96
N ALA C 48 10.57 -0.51 -33.52
CA ALA C 48 11.40 0.13 -32.52
C ALA C 48 10.58 0.50 -31.28
N GLY C 49 9.70 -0.42 -30.86
CA GLY C 49 8.90 -0.21 -29.68
C GLY C 49 7.80 0.82 -29.87
N LYS C 50 7.59 1.21 -31.13
CA LYS C 50 6.61 2.24 -31.47
C LYS C 50 5.55 1.63 -32.37
N GLN C 51 4.31 2.05 -32.21
CA GLN C 51 3.22 1.45 -32.97
C GLN C 51 2.92 2.17 -34.27
N LEU C 52 2.93 1.41 -35.36
CA LEU C 52 2.68 1.94 -36.69
C LEU C 52 1.19 1.95 -36.98
N GLU C 53 0.66 3.09 -37.40
CA GLU C 53 -0.77 3.20 -37.69
C GLU C 53 -1.06 3.06 -39.18
N ASP C 54 -2.17 2.38 -39.50
CA ASP C 54 -2.55 2.16 -40.89
C ASP C 54 -2.99 3.49 -41.50
N GLY C 55 -2.78 3.64 -42.81
CA GLY C 55 -3.09 4.88 -43.48
C GLY C 55 -1.83 5.70 -43.64
N ARG C 56 -0.89 5.49 -42.73
CA ARG C 56 0.38 6.20 -42.75
C ARG C 56 1.38 5.39 -43.57
N THR C 57 2.15 6.07 -44.42
CA THR C 57 3.13 5.41 -45.26
C THR C 57 4.37 5.03 -44.45
N LEU C 58 5.18 4.13 -44.99
CA LEU C 58 6.44 3.76 -44.35
C LEU C 58 7.40 4.95 -44.31
N SER C 59 7.32 5.80 -45.33
CA SER C 59 8.12 7.03 -45.40
C SER C 59 7.86 7.97 -44.22
N ASP C 60 6.62 7.99 -43.72
CA ASP C 60 6.28 8.82 -42.57
C ASP C 60 6.99 8.39 -41.29
N TYR C 61 7.16 7.09 -41.12
CA TYR C 61 7.87 6.54 -39.96
C TYR C 61 9.36 6.35 -40.22
N ASN C 62 9.78 6.69 -41.43
CA ASN C 62 11.18 6.55 -41.83
C ASN C 62 11.64 5.09 -41.78
N ILE C 63 10.83 4.21 -42.38
CA ILE C 63 11.17 2.80 -42.54
C ILE C 63 12.11 2.57 -43.73
N GLN C 64 13.15 1.76 -43.55
CA GLN C 64 14.12 1.52 -44.60
C GLN C 64 14.32 0.02 -44.83
N LYS C 65 15.04 -0.32 -45.89
CA LYS C 65 15.25 -1.71 -46.29
C LYS C 65 16.01 -2.53 -45.23
N GLU C 66 15.61 -3.79 -45.12
CA GLU C 66 16.27 -4.78 -44.26
C GLU C 66 16.02 -4.54 -42.78
N SER C 67 15.13 -3.60 -42.48
CA SER C 67 14.74 -3.34 -41.10
C SER C 67 13.75 -4.41 -40.62
N THR C 68 13.57 -4.52 -39.32
CA THR C 68 12.68 -5.52 -38.74
C THR C 68 11.47 -4.91 -38.01
N LEU C 69 10.31 -5.52 -38.19
CA LEU C 69 9.07 -5.08 -37.55
C LEU C 69 8.57 -6.18 -36.60
N HIS C 70 7.76 -5.79 -35.61
CA HIS C 70 7.28 -6.73 -34.59
C HIS C 70 5.76 -6.85 -34.59
N LEU C 71 5.26 -7.94 -35.18
CA LEU C 71 3.83 -8.19 -35.27
C LEU C 71 3.29 -8.96 -34.06
N VAL C 72 2.25 -8.41 -33.43
CA VAL C 72 1.61 -9.05 -32.27
C VAL C 72 0.12 -9.17 -32.51
N LEU C 73 -0.49 -10.25 -32.01
CA LEU C 73 -1.91 -10.46 -32.21
C LEU C 73 -2.76 -9.92 -31.06
N ARG C 74 -3.51 -8.86 -31.34
CA ARG C 74 -4.42 -8.26 -30.37
C ARG C 74 -5.87 -8.46 -30.79
N LEU C 75 -6.51 -9.55 -30.34
CA LEU C 75 -7.90 -9.77 -30.70
C LEU C 75 -8.86 -9.41 -29.56
N ARG C 76 -10.13 -9.19 -29.93
CA ARG C 76 -11.15 -8.79 -28.99
C ARG C 76 -11.40 -9.87 -27.94
N GLY C 77 -12.07 -9.49 -26.85
CA GLY C 77 -12.32 -10.40 -25.75
C GLY C 77 -13.15 -11.62 -26.12
N GLY C 78 -14.42 -11.39 -26.39
CA GLY C 78 -15.34 -12.47 -26.72
C GLY C 78 -15.82 -13.19 -25.48
N HIS D 2 -80.32 39.30 14.90
CA HIS D 2 -80.34 37.84 14.84
C HIS D 2 -78.93 37.27 14.67
N MET D 3 -78.70 36.12 15.28
CA MET D 3 -77.43 35.43 15.17
C MET D 3 -77.65 34.03 14.56
N GLN D 4 -76.63 33.47 13.93
CA GLN D 4 -76.77 32.15 13.34
C GLN D 4 -75.85 31.15 14.00
N ILE D 5 -76.41 29.98 14.30
CA ILE D 5 -75.70 28.90 14.98
C ILE D 5 -75.82 27.63 14.13
N PHE D 6 -75.04 26.62 14.49
CA PHE D 6 -74.97 25.40 13.69
C PHE D 6 -75.37 24.17 14.50
N VAL D 7 -76.18 23.31 13.89
CA VAL D 7 -76.59 22.06 14.53
C VAL D 7 -76.15 20.85 13.72
N LYS D 8 -75.53 19.88 14.39
CA LYS D 8 -74.97 18.73 13.69
C LYS D 8 -75.66 17.44 14.11
N THR D 9 -75.53 16.42 13.26
CA THR D 9 -76.10 15.12 13.54
C THR D 9 -75.03 14.05 13.36
N LEU D 10 -75.17 12.93 14.07
CA LEU D 10 -74.19 11.87 13.96
C LEU D 10 -74.22 11.30 12.56
N THR D 11 -75.40 11.37 11.93
CA THR D 11 -75.59 10.91 10.56
C THR D 11 -74.67 11.65 9.61
N GLY D 12 -74.41 12.93 9.89
CA GLY D 12 -73.48 13.70 9.10
C GLY D 12 -73.96 14.99 8.47
N LYS D 13 -75.16 15.45 8.83
CA LYS D 13 -75.67 16.69 8.25
C LYS D 13 -75.63 17.86 9.22
N THR D 14 -75.16 19.00 8.72
CA THR D 14 -75.16 20.24 9.48
C THR D 14 -76.42 21.03 9.16
N ILE D 15 -77.05 21.60 10.19
CA ILE D 15 -78.22 22.43 9.97
C ILE D 15 -77.88 23.85 10.39
N THR D 16 -78.33 24.82 9.60
CA THR D 16 -78.04 26.22 9.92
C THR D 16 -79.29 26.92 10.41
N LEU D 17 -79.18 27.55 11.57
CA LEU D 17 -80.33 28.23 12.16
C LEU D 17 -80.03 29.69 12.43
N GLU D 18 -81.02 30.54 12.19
CA GLU D 18 -80.91 31.95 12.49
C GLU D 18 -81.84 32.24 13.65
N VAL D 19 -81.25 32.62 14.77
CA VAL D 19 -82.02 32.89 15.96
C VAL D 19 -81.39 34.00 16.80
N GLU D 20 -82.19 34.61 17.65
CA GLU D 20 -81.67 35.65 18.54
C GLU D 20 -81.43 35.05 19.91
N PRO D 21 -80.54 35.66 20.70
CA PRO D 21 -80.34 35.10 22.04
C PRO D 21 -81.62 35.35 22.83
N SER D 22 -81.88 34.51 23.82
CA SER D 22 -83.02 34.61 24.76
C SER D 22 -84.01 33.52 24.39
N ASP D 23 -83.84 32.97 23.20
CA ASP D 23 -84.68 31.88 22.71
C ASP D 23 -84.46 30.71 23.65
N THR D 24 -85.45 29.86 23.81
CA THR D 24 -85.28 28.73 24.70
C THR D 24 -84.88 27.50 23.91
N ILE D 25 -84.38 26.48 24.60
CA ILE D 25 -83.93 25.27 23.93
C ILE D 25 -85.11 24.62 23.23
N GLU D 26 -86.27 24.62 23.88
CA GLU D 26 -87.50 24.10 23.29
C GLU D 26 -87.84 24.89 22.03
N ASN D 27 -87.57 26.19 22.08
CA ASN D 27 -87.82 27.07 20.94
C ASN D 27 -86.90 26.75 19.77
N VAL D 28 -85.63 26.48 20.08
CA VAL D 28 -84.65 26.12 19.06
C VAL D 28 -84.98 24.77 18.43
N LYS D 29 -85.52 23.87 19.24
CA LYS D 29 -85.94 22.55 18.76
C LYS D 29 -87.02 22.66 17.69
N ALA D 30 -87.98 23.56 17.90
CA ALA D 30 -89.04 23.77 16.92
C ALA D 30 -88.48 24.33 15.62
N LYS D 31 -87.46 25.18 15.75
CA LYS D 31 -86.82 25.78 14.58
C LYS D 31 -86.19 24.69 13.73
N ILE D 32 -85.67 23.67 14.40
CA ILE D 32 -85.15 22.49 13.73
C ILE D 32 -86.26 21.74 13.02
N GLN D 33 -87.44 21.74 13.65
CA GLN D 33 -88.61 21.06 13.10
C GLN D 33 -88.96 21.60 11.71
N ASP D 34 -88.96 22.91 11.57
CA ASP D 34 -89.31 23.52 10.28
C ASP D 34 -88.24 23.20 9.25
N LYS D 35 -86.98 23.26 9.67
CA LYS D 35 -85.86 23.07 8.76
C LYS D 35 -85.71 21.64 8.26
N GLU D 36 -85.67 20.68 9.19
CA GLU D 36 -85.31 19.32 8.82
C GLU D 36 -86.34 18.26 9.19
N GLY D 37 -87.55 18.68 9.51
CA GLY D 37 -88.61 17.74 9.80
C GLY D 37 -88.37 16.78 10.95
N ILE D 38 -87.79 17.26 12.04
CA ILE D 38 -87.55 16.41 13.20
C ILE D 38 -88.47 16.82 14.36
N PRO D 39 -89.10 15.83 15.01
CA PRO D 39 -90.03 16.19 16.09
C PRO D 39 -89.26 16.66 17.33
N PRO D 40 -89.70 17.78 17.94
CA PRO D 40 -89.05 18.33 19.13
C PRO D 40 -89.06 17.34 20.29
N ASP D 41 -90.03 16.42 20.24
CA ASP D 41 -90.19 15.40 21.27
C ASP D 41 -89.02 14.43 21.30
N GLN D 42 -88.34 14.27 20.17
CA GLN D 42 -87.28 13.28 20.05
C GLN D 42 -85.91 13.94 19.89
N GLN D 43 -85.71 15.08 20.55
CA GLN D 43 -84.44 15.77 20.43
C GLN D 43 -83.68 15.95 21.75
N ARG D 44 -82.37 15.67 21.72
CA ARG D 44 -81.49 16.04 22.82
C ARG D 44 -80.41 16.96 22.25
N LEU D 45 -80.32 18.18 22.78
CA LEU D 45 -79.30 19.11 22.32
C LEU D 45 -78.08 19.03 23.24
N ILE D 46 -76.90 18.90 22.65
CA ILE D 46 -75.70 18.72 23.44
C ILE D 46 -74.74 19.84 23.08
N PHE D 47 -74.17 20.50 24.09
CA PHE D 47 -73.17 21.54 23.84
C PHE D 47 -72.07 21.54 24.89
N ALA D 48 -70.83 21.47 24.42
CA ALA D 48 -69.68 21.38 25.31
C ALA D 48 -69.84 20.23 26.29
N GLY D 49 -70.31 19.08 25.82
CA GLY D 49 -70.46 17.92 26.68
C GLY D 49 -71.62 18.09 27.64
N LYS D 50 -72.45 19.09 27.38
CA LYS D 50 -73.56 19.44 28.28
C LYS D 50 -74.90 19.28 27.54
N GLN D 51 -75.89 18.73 28.23
CA GLN D 51 -77.21 18.50 27.63
C GLN D 51 -78.14 19.66 27.97
N LEU D 52 -78.74 20.25 26.94
CA LEU D 52 -79.58 21.44 27.11
C LEU D 52 -81.04 21.11 27.45
N GLU D 53 -81.57 21.76 28.48
CA GLU D 53 -82.96 21.56 28.88
C GLU D 53 -83.78 22.67 28.25
N ASP D 54 -85.03 22.38 27.92
CA ASP D 54 -85.86 23.30 27.14
C ASP D 54 -86.21 24.63 27.81
N GLY D 55 -86.11 24.69 29.14
CA GLY D 55 -86.47 25.91 29.85
C GLY D 55 -85.45 27.04 29.79
N ARG D 56 -84.18 26.71 29.63
CA ARG D 56 -83.11 27.70 29.62
C ARG D 56 -82.77 28.25 28.22
N THR D 57 -82.51 29.55 28.18
CA THR D 57 -82.20 30.25 26.94
C THR D 57 -80.75 29.97 26.50
N LEU D 58 -80.41 30.31 25.27
CA LEU D 58 -79.05 30.12 24.76
C LEU D 58 -78.01 30.96 25.51
N SER D 59 -78.42 32.14 25.96
CA SER D 59 -77.57 33.01 26.77
C SER D 59 -77.11 32.36 28.08
N ASP D 60 -77.97 31.52 28.66
CA ASP D 60 -77.64 30.81 29.89
C ASP D 60 -76.51 29.81 29.72
N TYR D 61 -76.46 29.14 28.58
CA TYR D 61 -75.41 28.18 28.28
C TYR D 61 -74.22 28.89 27.66
N ASN D 62 -74.38 30.19 27.49
CA ASN D 62 -73.38 31.06 26.90
C ASN D 62 -73.05 30.58 25.49
N ILE D 63 -74.10 30.24 24.74
CA ILE D 63 -73.95 29.93 23.33
C ILE D 63 -73.95 31.22 22.54
N GLN D 64 -73.01 31.35 21.61
CA GLN D 64 -72.89 32.59 20.86
C GLN D 64 -72.83 32.30 19.36
N LYS D 65 -72.75 33.35 18.57
CA LYS D 65 -72.83 33.23 17.12
C LYS D 65 -71.76 32.31 16.55
N GLU D 66 -72.15 31.57 15.52
CA GLU D 66 -71.24 30.72 14.77
C GLU D 66 -70.83 29.48 15.58
N SER D 67 -71.48 29.28 16.72
CA SER D 67 -71.18 28.13 17.57
C SER D 67 -71.76 26.84 16.98
N THR D 68 -71.25 25.70 17.44
CA THR D 68 -71.72 24.42 16.94
C THR D 68 -72.40 23.56 18.02
N LEU D 69 -73.51 22.94 17.67
CA LEU D 69 -74.26 22.08 18.59
C LEU D 69 -74.38 20.65 18.07
N HIS D 70 -74.62 19.71 18.98
CA HIS D 70 -74.75 18.30 18.65
C HIS D 70 -76.12 17.72 19.00
N LEU D 71 -76.93 17.56 17.97
CA LEU D 71 -78.29 17.06 18.08
C LEU D 71 -78.32 15.54 18.03
N VAL D 72 -79.00 14.95 19.01
CA VAL D 72 -79.15 13.50 19.07
C VAL D 72 -80.62 13.11 19.18
N LEU D 73 -81.00 11.98 18.59
CA LEU D 73 -82.38 11.52 18.58
C LEU D 73 -82.67 10.61 19.76
N ARG D 74 -83.57 11.04 20.64
CA ARG D 74 -83.96 10.26 21.80
C ARG D 74 -85.33 9.64 21.58
N LEU D 75 -85.35 8.33 21.36
CA LEU D 75 -86.60 7.60 21.17
C LEU D 75 -86.98 6.90 22.47
N ARG D 76 -88.25 6.53 22.58
CA ARG D 76 -88.77 5.89 23.80
C ARG D 76 -88.82 6.89 24.95
N GLY D 77 -88.70 8.18 24.61
CA GLY D 77 -88.68 9.23 25.60
C GLY D 77 -88.90 10.61 25.01
N GLY D 78 -89.37 11.54 25.83
CA GLY D 78 -89.65 12.90 25.38
C GLY D 78 -88.73 13.92 26.00
#